data_7ZW3
#
_entry.id   7ZW3
#
_cell.length_a   131.644
_cell.length_b   222.399
_cell.length_c   86.221
_cell.angle_alpha   90.000
_cell.angle_beta   90.000
_cell.angle_gamma   90.000
#
_symmetry.space_group_name_H-M   'C 2 2 2'
#
loop_
_entity.id
_entity.type
_entity.pdbx_description
1 polymer 'Amine oxidase [flavin-containing] B'
2 non-polymer 'FLAVIN-ADENINE DINUCLEOTIDE'
3 non-polymer N-DODECYL-N,N-DIMETHYL-3-AMMONIO-1-PROPANESULFONATE
4 non-polymer '1-(8-oxidanylquinolin-2-yl)-N-(phenylmethyl)methanimine oxide'
5 water water
#
_entity_poly.entity_id   1
_entity_poly.type   'polypeptide(L)'
_entity_poly.pdbx_seq_one_letter_code
;MSNKCDVVVVGGGISGMAAAKLLHDSGLNVVVLEARDRVGGRTYTLRNQKVKYVDLGGSYVGPTQNRILRLAKELGLETY
KVNEVERLIHHVKGKSYPFRGPFPPVWNPITYLDHNNFWRTMDDMGREIPSDAPWKAPLAEEWDNMTMKELLDKLCWTES
AKQLATLFVNLCVTAETHEVSALWFLWYVKQCGGTTRIISTTNGGQERKFVGGSGQVSERIMDLLGDRVKLERPVIYIDQ
TRENVLVETLNHEMYEAKYVISAIPPTLGMKIHFNPPLPMMRNQMITRVPLGSVIKCIVYYKEPFWRKKDYCGTMIIDGE
EAPVAYTLDDTKPEGNYAAIMGFILAHKARKLARLTKEERLKKLCELYAKVLGSLEALEPVHYEEKNWCEEQYSGGCYTT
YFPPGILTQYGRVLRQPVDRIYFAGTETATHWSGYMEGAVEAGERAAREILHAMGKIPEDEIWQSEPESVDVPAQPITTT
FLERHLPSVPGLLRLIGLTTIFSATALGFLAHKRGLLVRV
;
_entity_poly.pdbx_strand_id   AAA,BBB
#
loop_
_chem_comp.id
_chem_comp.type
_chem_comp.name
_chem_comp.formula
AI0 non-polymer '1-(8-oxidanylquinolin-2-yl)-N-(phenylmethyl)methanimine oxide' 'C17 H14 N2 O2'
C15 non-polymer N-DODECYL-N,N-DIMETHYL-3-AMMONIO-1-PROPANESULFONATE 'C17 H38 N O3 S 1'
FAD non-polymer 'FLAVIN-ADENINE DINUCLEOTIDE' 'C27 H33 N9 O15 P2'
#
# COMPACT_ATOMS: atom_id res chain seq x y z
N SER A 2 13.72 14.59 -30.66
CA SER A 2 12.69 13.63 -30.18
C SER A 2 12.32 12.64 -31.31
N ASN A 3 12.20 11.35 -30.98
CA ASN A 3 11.63 10.30 -31.88
C ASN A 3 10.11 10.46 -31.86
N LYS A 4 9.49 10.64 -33.02
CA LYS A 4 8.04 10.93 -33.15
C LYS A 4 7.32 9.63 -33.51
N CYS A 5 6.11 9.44 -32.99
CA CYS A 5 5.19 8.35 -33.35
C CYS A 5 3.77 8.76 -32.96
N ASP A 6 2.80 7.89 -33.20
CA ASP A 6 1.40 8.10 -32.80
C ASP A 6 1.25 7.79 -31.31
N VAL A 7 1.83 6.67 -30.86
CA VAL A 7 1.56 6.12 -29.50
C VAL A 7 2.84 5.53 -28.92
N VAL A 8 3.24 6.02 -27.75
CA VAL A 8 4.27 5.36 -26.91
C VAL A 8 3.53 4.39 -26.00
N VAL A 9 3.96 3.14 -26.00
CA VAL A 9 3.55 2.10 -25.01
C VAL A 9 4.67 1.94 -23.98
N VAL A 10 4.36 2.22 -22.73
CA VAL A 10 5.34 2.04 -21.63
C VAL A 10 5.14 0.63 -21.06
N GLY A 11 6.13 -0.24 -21.21
CA GLY A 11 6.04 -1.64 -20.78
C GLY A 11 5.88 -2.59 -21.95
N GLY A 12 6.79 -3.54 -22.07
CA GLY A 12 6.79 -4.62 -23.07
C GLY A 12 6.48 -5.95 -22.45
N GLY A 13 5.55 -5.97 -21.46
CA GLY A 13 4.84 -7.18 -21.03
C GLY A 13 3.81 -7.57 -22.07
N ILE A 14 3.06 -8.64 -21.80
CA ILE A 14 2.00 -9.12 -22.70
C ILE A 14 1.00 -8.00 -22.97
N SER A 15 0.63 -7.23 -21.95
CA SER A 15 -0.32 -6.11 -22.10
C SER A 15 0.20 -5.05 -23.08
N GLY A 16 1.41 -4.53 -22.84
CA GLY A 16 2.02 -3.53 -23.73
C GLY A 16 2.18 -4.10 -25.13
N MET A 17 2.68 -5.31 -25.25
CA MET A 17 2.94 -5.89 -26.59
C MET A 17 1.60 -6.13 -27.30
N ALA A 18 0.53 -6.52 -26.61
CA ALA A 18 -0.77 -6.78 -27.26
C ALA A 18 -1.35 -5.46 -27.78
N ALA A 19 -1.24 -4.40 -26.99
CA ALA A 19 -1.63 -3.02 -27.33
C ALA A 19 -0.89 -2.58 -28.60
N ALA A 20 0.43 -2.70 -28.58
CA ALA A 20 1.34 -2.21 -29.62
C ALA A 20 0.95 -2.93 -30.92
N LYS A 21 0.67 -4.22 -30.83
CA LYS A 21 0.39 -5.06 -32.02
C LYS A 21 -0.93 -4.60 -32.63
N LEU A 22 -1.96 -4.42 -31.80
CA LEU A 22 -3.28 -4.00 -32.30
C LEU A 22 -3.08 -2.65 -33.01
N LEU A 23 -2.39 -1.71 -32.38
CA LEU A 23 -2.18 -0.34 -32.93
C LEU A 23 -1.40 -0.41 -34.26
N HIS A 24 -0.32 -1.19 -34.29
CA HIS A 24 0.55 -1.41 -35.46
C HIS A 24 -0.30 -2.01 -36.59
N ASP A 25 -1.14 -3.00 -36.26
CA ASP A 25 -2.04 -3.68 -37.24
C ASP A 25 -3.08 -2.69 -37.76
N SER A 26 -3.49 -1.71 -36.96
CA SER A 26 -4.46 -0.67 -37.39
CA SER A 26 -4.45 -0.64 -37.34
C SER A 26 -3.74 0.41 -38.21
N GLY A 27 -2.43 0.24 -38.46
CA GLY A 27 -1.63 1.17 -39.28
C GLY A 27 -1.04 2.37 -38.53
N LEU A 28 -0.98 2.38 -37.19
CA LEU A 28 -0.36 3.49 -36.44
C LEU A 28 1.12 3.20 -36.27
N ASN A 29 1.92 4.25 -36.06
CA ASN A 29 3.34 4.20 -35.67
C ASN A 29 3.42 4.15 -34.14
N VAL A 30 3.87 3.01 -33.62
CA VAL A 30 4.00 2.75 -32.17
C VAL A 30 5.46 2.56 -31.83
N VAL A 31 5.81 2.94 -30.61
CA VAL A 31 7.09 2.59 -29.96
C VAL A 31 6.74 1.93 -28.63
N VAL A 32 7.45 0.86 -28.27
CA VAL A 32 7.39 0.21 -26.93
C VAL A 32 8.66 0.56 -26.17
N LEU A 33 8.54 1.28 -25.06
CA LEU A 33 9.69 1.56 -24.19
C LEU A 33 9.65 0.55 -23.04
N GLU A 34 10.65 -0.33 -23.01
CA GLU A 34 10.76 -1.43 -22.02
C GLU A 34 11.98 -1.17 -21.13
N ALA A 35 11.78 -1.17 -19.81
CA ALA A 35 12.82 -0.96 -18.79
C ALA A 35 13.92 -2.03 -18.90
N ARG A 36 13.56 -3.30 -19.05
CA ARG A 36 14.54 -4.41 -18.95
C ARG A 36 15.27 -4.63 -20.29
N ASP A 37 16.25 -5.53 -20.28
CA ASP A 37 16.96 -5.99 -21.51
C ASP A 37 16.17 -7.09 -22.23
N ARG A 38 14.88 -7.23 -21.97
CA ARG A 38 14.01 -8.32 -22.52
C ARG A 38 12.56 -7.87 -22.41
N VAL A 39 11.70 -8.43 -23.26
CA VAL A 39 10.21 -8.31 -23.19
C VAL A 39 9.67 -9.45 -22.31
N GLY A 40 8.38 -9.40 -21.95
CA GLY A 40 7.68 -10.46 -21.21
C GLY A 40 7.23 -10.04 -19.80
N GLY A 41 7.97 -9.14 -19.15
CA GLY A 41 7.73 -8.67 -17.77
C GLY A 41 7.56 -9.80 -16.79
N ARG A 42 6.34 -9.99 -16.27
CA ARG A 42 6.03 -11.07 -15.29
C ARG A 42 5.97 -12.45 -15.95
N THR A 43 6.08 -12.54 -17.28
CA THR A 43 6.38 -13.83 -17.94
C THR A 43 7.88 -13.82 -18.25
N TYR A 44 8.53 -14.98 -18.06
CA TYR A 44 9.97 -15.14 -18.32
C TYR A 44 10.23 -16.63 -18.48
N THR A 45 10.60 -17.00 -19.68
CA THR A 45 10.99 -18.36 -20.08
C THR A 45 12.51 -18.43 -20.10
N LEU A 46 13.10 -19.12 -19.12
CA LEU A 46 14.55 -19.43 -19.09
C LEU A 46 14.85 -20.58 -20.05
N ARG A 47 15.90 -20.47 -20.87
CA ARG A 47 16.37 -21.61 -21.71
C ARG A 47 17.83 -21.93 -21.33
N ASN A 48 18.08 -23.20 -21.04
CA ASN A 48 19.43 -23.79 -20.88
C ASN A 48 19.33 -25.28 -21.19
N GLN A 49 20.46 -25.97 -21.26
CA GLN A 49 20.48 -27.35 -21.78
C GLN A 49 19.86 -28.28 -20.74
N LYS A 50 19.95 -27.93 -19.45
CA LYS A 50 19.43 -28.82 -18.37
C LYS A 50 17.90 -28.87 -18.36
N VAL A 51 17.20 -27.79 -18.74
CA VAL A 51 15.72 -27.66 -18.56
C VAL A 51 15.04 -27.60 -19.93
N LYS A 52 15.83 -27.28 -20.93
CA LYS A 52 15.40 -26.99 -22.32
C LYS A 52 14.72 -25.62 -22.30
N TYR A 53 13.55 -25.54 -21.67
CA TYR A 53 12.89 -24.25 -21.40
C TYR A 53 12.10 -24.40 -20.10
N VAL A 54 11.94 -23.30 -19.35
CA VAL A 54 11.04 -23.30 -18.16
C VAL A 54 10.48 -21.89 -17.93
N ASP A 55 9.18 -21.85 -17.65
CA ASP A 55 8.47 -20.65 -17.22
C ASP A 55 8.80 -20.37 -15.75
N LEU A 56 9.50 -19.27 -15.47
CA LEU A 56 9.79 -18.82 -14.09
C LEU A 56 8.77 -17.77 -13.63
N GLY A 57 8.00 -17.19 -14.57
CA GLY A 57 6.84 -16.33 -14.27
C GLY A 57 5.54 -17.00 -14.68
N GLY A 58 4.59 -16.21 -15.18
CA GLY A 58 3.28 -16.71 -15.61
C GLY A 58 3.44 -17.78 -16.67
N SER A 59 2.59 -18.81 -16.60
CA SER A 59 2.77 -20.08 -17.35
C SER A 59 1.41 -20.67 -17.78
N TYR A 60 0.48 -20.79 -16.85
CA TYR A 60 -0.80 -21.52 -17.04
C TYR A 60 -1.82 -20.69 -17.79
N VAL A 61 -2.48 -21.38 -18.72
CA VAL A 61 -3.70 -20.88 -19.39
C VAL A 61 -4.75 -21.99 -19.32
N GLY A 62 -6.02 -21.60 -19.47
CA GLY A 62 -7.14 -22.55 -19.37
C GLY A 62 -8.37 -22.09 -20.14
N PRO A 63 -9.42 -22.93 -20.12
CA PRO A 63 -10.74 -22.56 -20.66
C PRO A 63 -11.27 -21.23 -20.12
N THR A 64 -11.92 -20.47 -21.02
CA THR A 64 -12.52 -19.13 -20.85
C THR A 64 -11.44 -18.04 -21.00
N GLN A 65 -10.16 -18.40 -21.14
CA GLN A 65 -9.09 -17.38 -21.39
C GLN A 65 -8.87 -17.26 -22.90
N ASN A 66 -9.90 -16.83 -23.62
CA ASN A 66 -9.94 -16.96 -25.11
C ASN A 66 -9.00 -15.96 -25.80
N ARG A 67 -8.74 -14.80 -25.17
CA ARG A 67 -7.89 -13.72 -25.75
C ARG A 67 -6.43 -14.16 -25.80
N ILE A 68 -5.88 -14.69 -24.73
CA ILE A 68 -4.44 -15.10 -24.73
C ILE A 68 -4.33 -16.32 -25.64
N LEU A 69 -5.33 -17.19 -25.68
CA LEU A 69 -5.29 -18.40 -26.53
C LEU A 69 -5.31 -17.98 -28.02
N ARG A 70 -6.11 -16.98 -28.38
CA ARG A 70 -6.21 -16.46 -29.78
C ARG A 70 -4.88 -15.79 -30.15
N LEU A 71 -4.39 -14.92 -29.25
CA LEU A 71 -3.12 -14.20 -29.52
C LEU A 71 -2.00 -15.23 -29.71
N ALA A 72 -1.86 -16.16 -28.77
CA ALA A 72 -0.81 -17.20 -28.85
C ALA A 72 -0.99 -18.02 -30.17
N LYS A 73 -2.22 -18.40 -30.52
CA LYS A 73 -2.45 -19.23 -31.73
C LYS A 73 -2.05 -18.43 -32.98
N GLU A 74 -2.34 -17.15 -33.00
CA GLU A 74 -2.01 -16.29 -34.17
C GLU A 74 -0.50 -16.14 -34.29
N LEU A 75 0.24 -16.19 -33.19
CA LEU A 75 1.71 -16.10 -33.19
C LEU A 75 2.35 -17.46 -33.47
N GLY A 76 1.56 -18.53 -33.65
CA GLY A 76 2.06 -19.85 -34.06
C GLY A 76 2.35 -20.73 -32.85
N LEU A 77 1.86 -20.39 -31.67
CA LEU A 77 2.10 -21.16 -30.42
C LEU A 77 1.03 -22.27 -30.24
N GLU A 78 1.43 -23.33 -29.56
CA GLU A 78 0.56 -24.47 -29.20
C GLU A 78 0.57 -24.59 -27.66
N THR A 79 -0.46 -25.22 -27.14
CA THR A 79 -0.57 -25.57 -25.71
C THR A 79 -0.48 -27.08 -25.54
N TYR A 80 -0.21 -27.52 -24.32
CA TYR A 80 -0.36 -28.92 -23.88
C TYR A 80 -0.95 -28.90 -22.48
N LYS A 81 -1.50 -30.04 -22.08
CA LYS A 81 -2.22 -30.17 -20.81
C LYS A 81 -1.25 -30.50 -19.68
N VAL A 82 -1.37 -29.78 -18.58
CA VAL A 82 -0.68 -30.10 -17.32
C VAL A 82 -1.14 -31.50 -16.90
N ASN A 83 -0.21 -32.30 -16.39
CA ASN A 83 -0.50 -33.70 -15.95
C ASN A 83 -1.48 -33.69 -14.76
N GLU A 84 -2.68 -34.23 -14.99
CA GLU A 84 -3.68 -34.48 -13.93
C GLU A 84 -4.28 -35.89 -14.13
N VAL A 85 -3.50 -36.81 -14.69
CA VAL A 85 -3.99 -38.18 -14.94
C VAL A 85 -4.14 -38.90 -13.59
N GLU A 86 -3.15 -38.88 -12.72
CA GLU A 86 -3.17 -39.70 -11.48
C GLU A 86 -3.80 -38.88 -10.34
N ARG A 87 -3.63 -39.31 -9.09
CA ARG A 87 -4.33 -38.74 -7.92
C ARG A 87 -3.64 -37.44 -7.47
N LEU A 88 -4.43 -36.48 -7.03
CA LEU A 88 -3.95 -35.27 -6.33
C LEU A 88 -3.72 -35.68 -4.86
N ILE A 89 -2.98 -34.86 -4.12
CA ILE A 89 -2.70 -35.11 -2.69
C ILE A 89 -3.09 -33.86 -1.92
N HIS A 90 -3.82 -34.05 -0.83
CA HIS A 90 -4.05 -33.03 0.21
C HIS A 90 -3.28 -33.51 1.45
N HIS A 91 -2.32 -32.72 1.88
CA HIS A 91 -1.42 -33.03 3.01
C HIS A 91 -1.80 -32.08 4.13
N VAL A 92 -2.32 -32.66 5.21
CA VAL A 92 -2.83 -31.86 6.35
C VAL A 92 -2.47 -32.62 7.64
N LYS A 93 -1.98 -31.88 8.64
CA LYS A 93 -1.48 -32.42 9.94
C LYS A 93 -0.47 -33.56 9.68
N GLY A 94 0.47 -33.35 8.76
CA GLY A 94 1.61 -34.26 8.56
C GLY A 94 1.24 -35.55 7.84
N LYS A 95 0.03 -35.70 7.27
CA LYS A 95 -0.32 -36.92 6.48
C LYS A 95 -0.89 -36.54 5.11
N SER A 96 -0.69 -37.40 4.12
CA SER A 96 -1.13 -37.21 2.72
C SER A 96 -2.42 -38.03 2.47
N TYR A 97 -3.43 -37.40 1.88
CA TYR A 97 -4.75 -37.99 1.55
C TYR A 97 -4.95 -37.82 0.05
N PRO A 98 -4.71 -38.87 -0.76
CA PRO A 98 -4.87 -38.78 -2.21
C PRO A 98 -6.35 -38.63 -2.55
N PHE A 99 -6.66 -37.93 -3.63
CA PHE A 99 -8.06 -37.68 -4.04
C PHE A 99 -8.11 -37.41 -5.54
N ARG A 100 -9.35 -37.35 -6.04
CA ARG A 100 -9.68 -36.92 -7.43
C ARG A 100 -10.75 -35.84 -7.42
N GLY A 101 -10.86 -35.11 -8.52
CA GLY A 101 -11.79 -33.97 -8.63
C GLY A 101 -11.07 -32.73 -8.13
N PRO A 102 -11.62 -31.54 -8.41
CA PRO A 102 -10.92 -30.29 -8.14
C PRO A 102 -10.76 -29.95 -6.64
N PHE A 103 -11.71 -30.36 -5.79
CA PHE A 103 -11.74 -30.03 -4.35
C PHE A 103 -11.27 -31.22 -3.51
N PRO A 104 -10.41 -30.99 -2.50
CA PRO A 104 -10.04 -32.07 -1.59
C PRO A 104 -11.30 -32.46 -0.83
N PRO A 105 -11.67 -33.75 -0.82
CA PRO A 105 -12.88 -34.19 -0.15
C PRO A 105 -12.76 -34.13 1.39
N VAL A 106 -13.94 -34.20 2.01
CA VAL A 106 -14.22 -34.01 3.45
C VAL A 106 -15.21 -35.11 3.82
N TRP A 107 -14.94 -35.92 4.84
CA TRP A 107 -15.87 -37.03 5.23
C TRP A 107 -16.71 -36.63 6.45
N ASN A 108 -16.14 -35.90 7.39
CA ASN A 108 -16.88 -35.50 8.61
C ASN A 108 -18.09 -34.68 8.15
N PRO A 109 -19.34 -35.08 8.45
CA PRO A 109 -20.51 -34.39 7.92
C PRO A 109 -20.59 -32.91 8.31
N ILE A 110 -20.19 -32.54 9.52
CA ILE A 110 -20.25 -31.13 9.98
C ILE A 110 -19.23 -30.34 9.15
N THR A 111 -18.04 -30.90 9.02
CA THR A 111 -16.92 -30.34 8.22
C THR A 111 -17.38 -30.24 6.76
N TYR A 112 -18.11 -31.23 6.26
CA TYR A 112 -18.58 -31.24 4.86
C TYR A 112 -19.52 -30.03 4.65
N LEU A 113 -20.48 -29.81 5.56
CA LEU A 113 -21.41 -28.65 5.45
C LEU A 113 -20.61 -27.33 5.45
N ASP A 114 -19.64 -27.18 6.34
CA ASP A 114 -18.84 -25.94 6.48
C ASP A 114 -18.06 -25.70 5.17
N HIS A 115 -17.42 -26.72 4.62
CA HIS A 115 -16.61 -26.64 3.39
C HIS A 115 -17.53 -26.26 2.23
N ASN A 116 -18.63 -26.99 2.06
CA ASN A 116 -19.60 -26.74 0.97
C ASN A 116 -20.10 -25.30 1.10
N ASN A 117 -20.39 -24.85 2.32
CA ASN A 117 -20.96 -23.51 2.55
C ASN A 117 -19.91 -22.44 2.23
N PHE A 118 -18.65 -22.69 2.57
CA PHE A 118 -17.53 -21.74 2.31
C PHE A 118 -17.46 -21.44 0.81
N TRP A 119 -17.21 -22.42 -0.04
CA TRP A 119 -17.07 -22.21 -1.50
C TRP A 119 -18.35 -21.58 -2.09
N ARG A 120 -19.49 -22.06 -1.62
CA ARG A 120 -20.81 -21.64 -2.13
C ARG A 120 -20.96 -20.16 -1.80
N THR A 121 -20.64 -19.77 -0.57
CA THR A 121 -20.81 -18.38 -0.11
C THR A 121 -19.85 -17.45 -0.89
N MET A 122 -18.61 -17.87 -1.13
CA MET A 122 -17.64 -17.11 -1.96
C MET A 122 -18.31 -16.74 -3.30
N ASP A 123 -18.86 -17.72 -4.00
CA ASP A 123 -19.51 -17.46 -5.30
C ASP A 123 -20.81 -16.67 -5.10
N ASP A 124 -21.56 -16.92 -4.01
CA ASP A 124 -22.83 -16.17 -3.74
C ASP A 124 -22.50 -14.68 -3.60
N MET A 125 -21.50 -14.36 -2.82
CA MET A 125 -21.11 -12.93 -2.61
C MET A 125 -20.58 -12.38 -3.95
N GLY A 126 -19.81 -13.20 -4.69
CA GLY A 126 -19.28 -12.83 -6.01
C GLY A 126 -20.37 -12.33 -6.96
N ARG A 127 -21.54 -12.96 -6.96
CA ARG A 127 -22.62 -12.62 -7.93
C ARG A 127 -23.19 -11.23 -7.61
N GLU A 128 -22.91 -10.68 -6.42
CA GLU A 128 -23.36 -9.32 -6.04
C GLU A 128 -22.42 -8.26 -6.63
N ILE A 129 -21.26 -8.68 -7.09
CA ILE A 129 -20.15 -7.74 -7.40
C ILE A 129 -19.99 -7.59 -8.90
N PRO A 130 -20.22 -6.39 -9.49
CA PRO A 130 -20.04 -6.24 -10.93
C PRO A 130 -18.55 -6.33 -11.30
N SER A 131 -18.22 -7.09 -12.32
CA SER A 131 -16.83 -7.32 -12.77
C SER A 131 -16.14 -6.00 -13.12
N ASP A 132 -16.88 -5.08 -13.71
CA ASP A 132 -16.34 -3.84 -14.27
C ASP A 132 -16.47 -2.71 -13.25
N ALA A 133 -17.02 -2.94 -12.07
CA ALA A 133 -17.27 -1.88 -11.05
C ALA A 133 -17.52 -2.53 -9.70
N PRO A 134 -16.52 -3.21 -9.12
CA PRO A 134 -16.73 -3.92 -7.85
C PRO A 134 -17.25 -3.02 -6.73
N TRP A 135 -16.88 -1.74 -6.74
CA TRP A 135 -17.30 -0.72 -5.75
C TRP A 135 -18.83 -0.46 -5.86
N LYS A 136 -19.51 -0.99 -6.88
CA LYS A 136 -20.99 -0.83 -6.99
C LYS A 136 -21.72 -1.99 -6.33
N ALA A 137 -21.04 -2.98 -5.78
CA ALA A 137 -21.73 -4.06 -5.02
C ALA A 137 -22.60 -3.41 -3.94
N PRO A 138 -23.84 -3.89 -3.67
CA PRO A 138 -24.68 -3.30 -2.64
C PRO A 138 -23.99 -3.15 -1.28
N LEU A 139 -23.19 -4.12 -0.83
CA LEU A 139 -22.48 -4.07 0.47
C LEU A 139 -20.99 -3.79 0.24
N ALA A 140 -20.66 -3.03 -0.81
CA ALA A 140 -19.25 -2.83 -1.20
C ALA A 140 -18.48 -2.31 0.02
N GLU A 141 -19.02 -1.31 0.69
CA GLU A 141 -18.32 -0.63 1.81
C GLU A 141 -18.04 -1.60 2.94
N GLU A 142 -19.08 -2.25 3.45
CA GLU A 142 -18.97 -3.28 4.52
C GLU A 142 -17.96 -4.37 4.11
N TRP A 143 -18.02 -4.87 2.88
CA TRP A 143 -17.06 -5.93 2.44
C TRP A 143 -15.65 -5.37 2.27
N ASP A 144 -15.48 -4.14 1.79
CA ASP A 144 -14.15 -3.58 1.55
C ASP A 144 -13.45 -3.22 2.87
N ASN A 145 -14.23 -3.00 3.94
CA ASN A 145 -13.72 -2.55 5.26
C ASN A 145 -13.31 -3.73 6.17
N MET A 146 -13.37 -4.94 5.61
CA MET A 146 -13.00 -6.23 6.25
C MET A 146 -11.82 -6.80 5.47
N THR A 147 -10.95 -7.53 6.15
CA THR A 147 -9.94 -8.37 5.49
C THR A 147 -10.57 -9.71 5.14
N MET A 148 -9.90 -10.46 4.29
CA MET A 148 -10.32 -11.86 4.07
C MET A 148 -10.16 -12.65 5.38
N LYS A 149 -9.24 -12.28 6.26
CA LYS A 149 -9.08 -13.00 7.56
C LYS A 149 -10.39 -12.91 8.37
N GLU A 150 -10.91 -11.68 8.49
CA GLU A 150 -12.17 -11.39 9.21
C GLU A 150 -13.33 -12.15 8.56
N LEU A 151 -13.43 -12.13 7.23
CA LEU A 151 -14.47 -12.90 6.52
C LEU A 151 -14.35 -14.40 6.83
N LEU A 152 -13.17 -15.00 6.81
CA LEU A 152 -13.03 -16.46 7.09
C LEU A 152 -13.38 -16.74 8.56
N ASP A 153 -13.00 -15.86 9.48
CA ASP A 153 -13.33 -15.97 10.93
C ASP A 153 -14.85 -16.02 11.12
N LYS A 154 -15.64 -15.28 10.34
CA LYS A 154 -17.12 -15.31 10.45
C LYS A 154 -17.72 -16.53 9.74
N LEU A 155 -17.20 -16.93 8.59
CA LEU A 155 -17.86 -17.92 7.68
C LEU A 155 -17.58 -19.34 8.12
N CYS A 156 -16.34 -19.60 8.47
CA CYS A 156 -15.81 -20.96 8.72
C CYS A 156 -16.10 -21.36 10.17
N TRP A 157 -16.96 -22.37 10.38
CA TRP A 157 -17.29 -22.90 11.72
C TRP A 157 -16.36 -24.06 12.04
N THR A 158 -15.47 -24.44 11.14
CA THR A 158 -14.45 -25.49 11.42
C THR A 158 -13.05 -24.94 11.08
N GLU A 159 -12.05 -25.42 11.81
CA GLU A 159 -10.63 -25.08 11.56
C GLU A 159 -10.22 -25.67 10.21
N SER A 160 -10.76 -26.83 9.87
CA SER A 160 -10.50 -27.52 8.59
C SER A 160 -10.79 -26.56 7.42
N ALA A 161 -11.98 -25.99 7.38
CA ALA A 161 -12.41 -25.10 6.28
C ALA A 161 -11.57 -23.82 6.34
N LYS A 162 -11.34 -23.28 7.52
CA LYS A 162 -10.53 -22.03 7.66
C LYS A 162 -9.12 -22.26 7.11
N GLN A 163 -8.50 -23.40 7.41
CA GLN A 163 -7.11 -23.70 6.97
C GLN A 163 -7.11 -23.84 5.44
N LEU A 164 -8.09 -24.52 4.86
CA LEU A 164 -8.09 -24.75 3.41
C LEU A 164 -8.37 -23.41 2.71
N ALA A 165 -9.34 -22.65 3.21
CA ALA A 165 -9.69 -21.32 2.67
C ALA A 165 -8.46 -20.41 2.72
N THR A 166 -7.69 -20.46 3.80
CA THR A 166 -6.48 -19.61 3.99
C THR A 166 -5.45 -19.93 2.88
N LEU A 167 -5.21 -21.21 2.63
CA LEU A 167 -4.29 -21.68 1.59
C LEU A 167 -4.82 -21.20 0.22
N PHE A 168 -6.13 -21.28 -0.01
CA PHE A 168 -6.78 -20.83 -1.28
C PHE A 168 -6.46 -19.35 -1.53
N VAL A 169 -6.62 -18.51 -0.52
CA VAL A 169 -6.31 -17.06 -0.64
C VAL A 169 -4.81 -16.88 -0.91
N ASN A 170 -3.96 -17.48 -0.09
CA ASN A 170 -2.49 -17.34 -0.22
C ASN A 170 -2.07 -17.73 -1.65
N LEU A 171 -2.61 -18.81 -2.19
CA LEU A 171 -2.20 -19.37 -3.51
C LEU A 171 -2.73 -18.49 -4.63
N CYS A 172 -3.96 -18.00 -4.51
CA CYS A 172 -4.64 -17.23 -5.56
CA CYS A 172 -4.63 -17.22 -5.57
C CYS A 172 -4.01 -15.83 -5.70
N VAL A 173 -3.61 -15.19 -4.59
CA VAL A 173 -3.20 -13.75 -4.67
C VAL A 173 -1.87 -13.50 -3.94
N THR A 174 -1.13 -14.56 -3.58
CA THR A 174 0.27 -14.46 -3.05
C THR A 174 0.30 -13.42 -1.93
N ALA A 175 -0.71 -13.46 -1.07
CA ALA A 175 -0.82 -12.53 0.06
C ALA A 175 -1.58 -13.20 1.20
N GLU A 176 -1.42 -12.64 2.38
CA GLU A 176 -2.02 -13.19 3.63
C GLU A 176 -3.49 -12.78 3.67
N THR A 177 -4.31 -13.52 4.40
CA THR A 177 -5.76 -13.25 4.54
C THR A 177 -5.93 -11.88 5.18
N HIS A 178 -5.07 -11.55 6.16
CA HIS A 178 -5.17 -10.28 6.92
C HIS A 178 -4.65 -9.10 6.10
N GLU A 179 -4.01 -9.33 4.93
CA GLU A 179 -3.43 -8.25 4.09
C GLU A 179 -4.47 -7.72 3.09
N VAL A 180 -5.47 -8.53 2.71
CA VAL A 180 -6.30 -8.22 1.52
C VAL A 180 -7.75 -7.88 1.92
N SER A 181 -8.34 -6.94 1.19
CA SER A 181 -9.78 -6.58 1.25
C SER A 181 -10.61 -7.81 0.94
N ALA A 182 -11.71 -7.99 1.67
CA ALA A 182 -12.66 -9.10 1.40
C ALA A 182 -13.36 -8.78 0.07
N LEU A 183 -13.81 -7.54 -0.12
CA LEU A 183 -14.45 -7.13 -1.39
C LEU A 183 -13.52 -7.41 -2.56
N TRP A 184 -12.27 -6.95 -2.46
CA TRP A 184 -11.33 -7.12 -3.61
C TRP A 184 -11.17 -8.61 -3.91
N PHE A 185 -11.00 -9.45 -2.90
CA PHE A 185 -10.71 -10.89 -3.11
C PHE A 185 -11.92 -11.56 -3.78
N LEU A 186 -13.11 -11.28 -3.25
CA LEU A 186 -14.39 -11.82 -3.78
C LEU A 186 -14.55 -11.37 -5.23
N TRP A 187 -14.21 -10.14 -5.53
CA TRP A 187 -14.19 -9.61 -6.92
C TRP A 187 -13.23 -10.47 -7.73
N TYR A 188 -12.00 -10.60 -7.25
CA TYR A 188 -10.89 -11.24 -8.00
C TYR A 188 -11.29 -12.66 -8.43
N VAL A 189 -11.90 -13.40 -7.50
CA VAL A 189 -12.37 -14.77 -7.79
C VAL A 189 -13.52 -14.71 -8.80
N LYS A 190 -14.49 -13.85 -8.57
CA LYS A 190 -15.69 -13.78 -9.43
C LYS A 190 -15.25 -13.41 -10.86
N GLN A 191 -14.32 -12.49 -11.04
CA GLN A 191 -13.94 -12.03 -12.40
C GLN A 191 -13.09 -13.11 -13.12
N CYS A 192 -12.72 -14.20 -12.45
CA CYS A 192 -12.07 -15.37 -13.09
C CYS A 192 -13.11 -16.45 -13.39
N GLY A 193 -14.40 -16.21 -13.11
CA GLY A 193 -15.47 -17.22 -13.35
C GLY A 193 -15.82 -18.03 -12.11
N GLY A 194 -15.28 -17.68 -10.93
CA GLY A 194 -15.69 -18.31 -9.66
C GLY A 194 -14.70 -19.34 -9.14
N THR A 195 -15.03 -19.91 -7.96
CA THR A 195 -14.10 -20.74 -7.18
C THR A 195 -13.70 -21.93 -8.04
N THR A 196 -14.63 -22.67 -8.64
CA THR A 196 -14.27 -23.91 -9.35
C THR A 196 -13.31 -23.58 -10.50
N ARG A 197 -13.61 -22.58 -11.31
CA ARG A 197 -12.82 -22.24 -12.51
C ARG A 197 -11.40 -21.85 -12.10
N ILE A 198 -11.27 -21.10 -11.00
CA ILE A 198 -9.93 -20.53 -10.63
C ILE A 198 -9.04 -21.63 -10.03
N ILE A 199 -9.60 -22.56 -9.26
CA ILE A 199 -8.77 -23.56 -8.54
C ILE A 199 -8.47 -24.77 -9.44
N SER A 200 -9.12 -24.91 -10.58
CA SER A 200 -9.13 -26.22 -11.29
C SER A 200 -7.94 -26.30 -12.23
N THR A 201 -7.37 -27.50 -12.35
CA THR A 201 -6.42 -27.80 -13.43
C THR A 201 -7.21 -28.22 -14.67
N THR A 202 -7.72 -29.44 -14.70
CA THR A 202 -8.74 -29.84 -15.69
C THR A 202 -9.92 -28.85 -15.59
N ASN A 203 -10.30 -28.23 -16.72
CA ASN A 203 -11.49 -27.34 -16.82
CA ASN A 203 -11.46 -27.30 -16.86
C ASN A 203 -11.27 -26.00 -16.05
N GLY A 204 -10.02 -25.63 -15.71
CA GLY A 204 -9.80 -24.35 -15.02
C GLY A 204 -8.53 -23.63 -15.45
N GLY A 205 -8.11 -22.65 -14.63
CA GLY A 205 -6.97 -21.75 -14.92
C GLY A 205 -5.67 -22.50 -15.17
N GLN A 206 -5.47 -23.67 -14.57
CA GLN A 206 -4.14 -24.35 -14.57
C GLN A 206 -4.14 -25.52 -15.60
N GLU A 207 -5.08 -25.55 -16.55
CA GLU A 207 -5.25 -26.72 -17.44
C GLU A 207 -4.04 -26.88 -18.35
N ARG A 208 -3.51 -25.78 -18.89
CA ARG A 208 -2.47 -25.88 -19.93
C ARG A 208 -1.30 -24.91 -19.72
N LYS A 209 -0.23 -25.17 -20.46
CA LYS A 209 0.98 -24.34 -20.66
C LYS A 209 1.25 -24.26 -22.16
N PHE A 210 2.05 -23.29 -22.55
CA PHE A 210 2.52 -23.11 -23.95
C PHE A 210 3.71 -24.02 -24.16
N VAL A 211 3.68 -24.72 -25.28
CA VAL A 211 4.88 -25.46 -25.76
C VAL A 211 5.98 -24.43 -26.02
N GLY A 212 7.08 -24.55 -25.27
CA GLY A 212 8.26 -23.69 -25.42
C GLY A 212 8.24 -22.48 -24.53
N GLY A 213 7.17 -22.30 -23.74
CA GLY A 213 7.08 -21.23 -22.71
C GLY A 213 6.27 -20.03 -23.14
N SER A 214 5.69 -19.34 -22.17
CA SER A 214 4.80 -18.18 -22.35
C SER A 214 5.59 -16.96 -22.82
N GLY A 215 6.90 -16.90 -22.55
CA GLY A 215 7.77 -15.79 -22.97
C GLY A 215 7.73 -15.58 -24.48
N GLN A 216 7.42 -16.62 -25.25
CA GLN A 216 7.36 -16.56 -26.73
C GLN A 216 6.26 -15.59 -27.17
N VAL A 217 5.26 -15.34 -26.33
CA VAL A 217 4.15 -14.44 -26.72
C VAL A 217 4.76 -13.05 -26.96
N SER A 218 5.42 -12.49 -25.95
CA SER A 218 6.04 -11.16 -25.99
C SER A 218 7.16 -11.12 -27.04
N GLU A 219 7.98 -12.18 -27.11
CA GLU A 219 9.13 -12.27 -28.05
C GLU A 219 8.65 -12.21 -29.51
N ARG A 220 7.61 -12.97 -29.87
CA ARG A 220 7.10 -13.07 -31.26
C ARG A 220 6.46 -11.74 -31.65
N ILE A 221 5.82 -11.04 -30.72
CA ILE A 221 5.24 -9.71 -31.06
C ILE A 221 6.42 -8.76 -31.27
N MET A 222 7.47 -8.85 -30.45
CA MET A 222 8.71 -8.06 -30.65
C MET A 222 9.24 -8.31 -32.09
N ASP A 223 9.25 -9.56 -32.55
CA ASP A 223 9.72 -9.93 -33.92
C ASP A 223 8.90 -9.18 -34.98
N LEU A 224 7.58 -9.18 -34.85
CA LEU A 224 6.63 -8.45 -35.75
C LEU A 224 6.91 -6.94 -35.70
N LEU A 225 7.27 -6.40 -34.54
CA LEU A 225 7.39 -4.92 -34.36
C LEU A 225 8.79 -4.44 -34.78
N GLY A 226 9.79 -5.32 -34.87
CA GLY A 226 11.17 -4.96 -35.25
C GLY A 226 11.72 -3.96 -34.25
N ASP A 227 12.31 -2.87 -34.74
CA ASP A 227 13.10 -1.93 -33.91
C ASP A 227 12.16 -0.92 -33.23
N ARG A 228 10.85 -1.04 -33.39
CA ARG A 228 9.87 -0.25 -32.63
C ARG A 228 9.97 -0.55 -31.13
N VAL A 229 10.45 -1.74 -30.73
CA VAL A 229 10.62 -2.09 -29.30
C VAL A 229 12.00 -1.59 -28.83
N LYS A 230 12.04 -0.72 -27.81
CA LYS A 230 13.29 -0.16 -27.25
C LYS A 230 13.52 -0.81 -25.89
N LEU A 231 14.50 -1.71 -25.81
CA LEU A 231 14.92 -2.36 -24.53
C LEU A 231 15.82 -1.44 -23.73
N GLU A 232 15.88 -1.62 -22.41
CA GLU A 232 16.68 -0.78 -21.47
C GLU A 232 16.35 0.70 -21.69
N ARG A 233 15.06 1.01 -21.87
CA ARG A 233 14.47 2.38 -21.86
C ARG A 233 13.44 2.46 -20.73
N PRO A 234 13.89 2.49 -19.46
CA PRO A 234 12.99 2.79 -18.35
C PRO A 234 12.47 4.22 -18.51
N VAL A 235 11.15 4.40 -18.45
CA VAL A 235 10.51 5.74 -18.53
C VAL A 235 10.59 6.40 -17.16
N ILE A 236 11.03 7.66 -17.14
CA ILE A 236 11.24 8.45 -15.89
C ILE A 236 10.33 9.69 -15.85
N TYR A 237 9.78 10.13 -16.98
CA TYR A 237 9.14 11.47 -17.06
C TYR A 237 8.16 11.47 -18.23
N ILE A 238 6.94 11.92 -17.92
CA ILE A 238 5.88 12.13 -18.95
C ILE A 238 5.38 13.56 -18.79
N ASP A 239 5.43 14.32 -19.89
CA ASP A 239 5.01 15.74 -19.95
C ASP A 239 3.82 15.85 -20.92
N GLN A 240 2.66 16.29 -20.40
CA GLN A 240 1.43 16.52 -21.18
C GLN A 240 1.06 18.02 -21.26
N THR A 241 1.98 18.92 -20.97
CA THR A 241 1.71 20.39 -20.99
C THR A 241 1.73 20.95 -22.41
N ARG A 242 2.20 20.21 -23.43
CA ARG A 242 2.30 20.75 -24.82
C ARG A 242 1.37 19.95 -25.74
N GLU A 243 1.37 20.25 -27.04
CA GLU A 243 0.36 19.71 -28.00
C GLU A 243 0.58 18.20 -28.12
N ASN A 244 1.83 17.77 -28.22
CA ASN A 244 2.21 16.33 -28.22
C ASN A 244 2.74 15.96 -26.84
N VAL A 245 2.52 14.71 -26.43
CA VAL A 245 3.05 14.16 -25.15
C VAL A 245 4.54 13.87 -25.34
N LEU A 246 5.33 14.24 -24.34
CA LEU A 246 6.78 13.93 -24.32
C LEU A 246 7.03 12.84 -23.29
N VAL A 247 7.78 11.82 -23.68
CA VAL A 247 8.09 10.66 -22.81
C VAL A 247 9.60 10.56 -22.79
N GLU A 248 10.18 10.76 -21.62
CA GLU A 248 11.65 10.68 -21.47
C GLU A 248 12.05 9.38 -20.76
N THR A 249 13.12 8.75 -21.24
CA THR A 249 13.73 7.54 -20.62
C THR A 249 14.95 7.90 -19.76
N LEU A 250 15.39 6.94 -18.95
CA LEU A 250 16.52 7.09 -18.01
C LEU A 250 17.84 7.34 -18.78
N ASN A 251 17.99 6.85 -20.01
CA ASN A 251 19.18 7.13 -20.84
C ASN A 251 19.04 8.48 -21.56
N HIS A 252 18.08 9.33 -21.19
CA HIS A 252 17.89 10.71 -21.68
C HIS A 252 17.34 10.75 -23.12
N GLU A 253 16.89 9.63 -23.68
CA GLU A 253 16.15 9.65 -24.97
C GLU A 253 14.78 10.28 -24.77
N MET A 254 14.29 10.98 -25.77
CA MET A 254 12.99 11.68 -25.67
C MET A 254 12.11 11.16 -26.80
N TYR A 255 10.87 10.77 -26.44
CA TYR A 255 9.84 10.30 -27.38
C TYR A 255 8.67 11.28 -27.34
N GLU A 256 8.17 11.55 -28.53
CA GLU A 256 7.02 12.47 -28.72
C GLU A 256 5.88 11.70 -29.38
N ALA A 257 4.68 11.80 -28.82
CA ALA A 257 3.53 11.01 -29.29
C ALA A 257 2.21 11.76 -29.12
N LYS A 258 1.17 11.28 -29.78
CA LYS A 258 -0.18 11.84 -29.60
C LYS A 258 -0.76 11.31 -28.26
N TYR A 259 -0.49 10.05 -27.95
CA TYR A 259 -1.07 9.36 -26.78
C TYR A 259 -0.04 8.40 -26.19
N VAL A 260 -0.25 8.05 -24.93
CA VAL A 260 0.57 7.03 -24.23
C VAL A 260 -0.36 5.97 -23.66
N ILE A 261 0.06 4.71 -23.74
CA ILE A 261 -0.52 3.59 -22.93
C ILE A 261 0.50 3.26 -21.83
N SER A 262 0.10 3.44 -20.57
CA SER A 262 0.85 2.91 -19.41
C SER A 262 0.48 1.42 -19.25
N ALA A 263 1.36 0.48 -19.61
CA ALA A 263 1.11 -0.98 -19.53
C ALA A 263 2.01 -1.61 -18.44
N ILE A 264 2.14 -0.93 -17.30
CA ILE A 264 3.01 -1.35 -16.16
C ILE A 264 2.10 -1.55 -14.94
N PRO A 265 2.50 -2.37 -13.94
CA PRO A 265 1.72 -2.51 -12.70
C PRO A 265 1.40 -1.13 -12.14
N PRO A 266 0.18 -0.91 -11.63
CA PRO A 266 -0.21 0.44 -11.17
C PRO A 266 0.79 1.14 -10.24
N THR A 267 1.29 0.48 -9.21
CA THR A 267 2.21 1.16 -8.28
C THR A 267 3.49 1.56 -9.01
N LEU A 268 3.88 0.89 -10.10
CA LEU A 268 5.16 1.21 -10.78
C LEU A 268 5.01 2.53 -11.57
N GLY A 269 3.80 3.07 -11.68
CA GLY A 269 3.57 4.50 -12.07
C GLY A 269 4.34 5.49 -11.20
N MET A 270 4.71 5.08 -9.98
CA MET A 270 5.45 5.92 -8.99
CA MET A 270 5.43 5.94 -9.01
C MET A 270 6.85 6.23 -9.53
N LYS A 271 7.37 5.39 -10.43
CA LYS A 271 8.75 5.52 -10.94
C LYS A 271 8.81 6.62 -12.01
N ILE A 272 7.66 7.19 -12.38
CA ILE A 272 7.53 8.24 -13.43
C ILE A 272 7.16 9.56 -12.75
N HIS A 273 7.91 10.61 -13.11
CA HIS A 273 7.64 12.00 -12.69
C HIS A 273 6.68 12.60 -13.71
N PHE A 274 5.55 13.13 -13.24
CA PHE A 274 4.47 13.57 -14.16
C PHE A 274 4.41 15.10 -14.18
N ASN A 275 4.23 15.65 -15.37
CA ASN A 275 3.97 17.10 -15.57
C ASN A 275 2.81 17.20 -16.55
N PRO A 276 1.66 17.79 -16.13
CA PRO A 276 1.48 18.31 -14.77
C PRO A 276 1.33 17.17 -13.78
N PRO A 277 1.26 17.42 -12.45
CA PRO A 277 1.09 16.33 -11.49
C PRO A 277 -0.15 15.49 -11.83
N LEU A 278 -0.14 14.20 -11.49
CA LEU A 278 -1.36 13.35 -11.56
C LEU A 278 -2.48 14.00 -10.75
N PRO A 279 -3.75 13.82 -11.14
CA PRO A 279 -4.88 14.17 -10.27
C PRO A 279 -4.74 13.43 -8.92
N MET A 280 -5.26 14.06 -7.87
CA MET A 280 -5.18 13.59 -6.46
C MET A 280 -5.49 12.10 -6.35
N MET A 281 -6.61 11.64 -6.88
CA MET A 281 -7.05 10.25 -6.64
C MET A 281 -5.99 9.29 -7.20
N ARG A 282 -5.48 9.49 -8.40
CA ARG A 282 -4.45 8.55 -8.95
C ARG A 282 -3.14 8.72 -8.19
N ASN A 283 -2.79 9.96 -7.87
CA ASN A 283 -1.56 10.30 -7.10
C ASN A 283 -1.47 9.40 -5.86
N GLN A 284 -2.57 9.25 -5.14
CA GLN A 284 -2.60 8.48 -3.88
C GLN A 284 -2.85 7.00 -4.18
N MET A 285 -3.64 6.65 -5.19
CA MET A 285 -3.98 5.23 -5.47
CA MET A 285 -3.98 5.23 -5.46
C MET A 285 -2.68 4.43 -5.71
N ILE A 286 -1.70 5.02 -6.41
CA ILE A 286 -0.48 4.28 -6.87
C ILE A 286 0.51 4.10 -5.72
N THR A 287 0.18 4.60 -4.52
CA THR A 287 0.93 4.34 -3.26
C THR A 287 0.20 3.30 -2.41
N ARG A 288 -0.95 2.83 -2.84
CA ARG A 288 -1.88 2.01 -2.02
C ARG A 288 -2.08 0.61 -2.58
N VAL A 289 -1.33 0.20 -3.61
CA VAL A 289 -1.67 -1.04 -4.39
C VAL A 289 -0.40 -1.85 -4.61
N PRO A 290 0.03 -2.60 -3.57
CA PRO A 290 1.23 -3.41 -3.67
C PRO A 290 1.00 -4.70 -4.44
N LEU A 291 2.06 -5.36 -4.90
CA LEU A 291 1.98 -6.73 -5.50
C LEU A 291 2.32 -7.78 -4.44
N GLY A 292 1.83 -9.01 -4.66
CA GLY A 292 2.08 -10.15 -3.78
C GLY A 292 3.51 -10.62 -3.81
N SER A 293 3.80 -11.64 -2.99
CA SER A 293 5.17 -12.14 -2.75
C SER A 293 5.18 -13.63 -3.10
N VAL A 294 6.09 -14.02 -4.01
CA VAL A 294 6.19 -15.45 -4.37
C VAL A 294 7.57 -15.78 -4.92
N ILE A 295 8.06 -16.96 -4.56
CA ILE A 295 9.20 -17.62 -5.24
C ILE A 295 8.65 -18.82 -6.00
N LYS A 296 8.87 -18.86 -7.29
CA LYS A 296 8.52 -20.04 -8.09
C LYS A 296 9.77 -20.92 -8.15
N CYS A 297 9.64 -22.18 -7.78
CA CYS A 297 10.75 -23.14 -7.64
C CYS A 297 10.44 -24.38 -8.47
N ILE A 298 11.38 -24.81 -9.28
CA ILE A 298 11.22 -26.03 -10.12
C ILE A 298 12.36 -26.99 -9.78
N VAL A 299 12.02 -28.14 -9.20
CA VAL A 299 13.00 -29.20 -8.87
C VAL A 299 12.91 -30.28 -9.96
N TYR A 300 14.04 -30.63 -10.56
CA TYR A 300 14.10 -31.61 -11.67
C TYR A 300 14.53 -32.96 -11.11
N TYR A 301 14.00 -34.03 -11.73
CA TYR A 301 14.30 -35.44 -11.36
C TYR A 301 14.58 -36.20 -12.65
N LYS A 302 15.23 -37.34 -12.50
CA LYS A 302 15.57 -38.29 -13.60
C LYS A 302 14.27 -38.73 -14.26
N GLU A 303 13.21 -39.00 -13.49
CA GLU A 303 11.91 -39.48 -14.02
C GLU A 303 10.78 -38.94 -13.17
N PRO A 304 9.53 -38.93 -13.69
CA PRO A 304 8.37 -38.48 -12.93
C PRO A 304 7.86 -39.64 -12.06
N PHE A 305 8.66 -39.96 -11.03
CA PHE A 305 8.52 -41.15 -10.17
C PHE A 305 7.16 -41.14 -9.48
N TRP A 306 6.61 -39.95 -9.19
CA TRP A 306 5.30 -39.80 -8.49
C TRP A 306 4.20 -40.51 -9.27
N ARG A 307 4.26 -40.48 -10.61
CA ARG A 307 3.25 -41.12 -11.49
C ARG A 307 3.18 -42.62 -11.19
N LYS A 308 4.31 -43.23 -10.88
CA LYS A 308 4.39 -44.70 -10.61
C LYS A 308 3.69 -45.04 -9.29
N LYS A 309 3.48 -44.08 -8.36
CA LYS A 309 2.66 -44.24 -7.12
C LYS A 309 1.23 -43.74 -7.34
N ASP A 310 0.88 -43.45 -8.59
CA ASP A 310 -0.47 -42.96 -8.97
C ASP A 310 -0.73 -41.60 -8.30
N TYR A 311 0.29 -40.73 -8.28
CA TYR A 311 0.19 -39.30 -7.96
C TYR A 311 0.46 -38.47 -9.22
N CYS A 312 -0.39 -37.51 -9.58
CA CYS A 312 -0.19 -36.70 -10.81
C CYS A 312 0.92 -35.67 -10.55
N GLY A 313 1.20 -35.33 -9.28
CA GLY A 313 2.27 -34.40 -8.89
C GLY A 313 1.68 -33.13 -8.29
N THR A 314 0.36 -33.05 -8.27
CA THR A 314 -0.37 -31.96 -7.60
C THR A 314 -0.41 -32.26 -6.11
N MET A 315 0.06 -31.33 -5.31
CA MET A 315 0.07 -31.41 -3.83
C MET A 315 -0.48 -30.09 -3.29
N ILE A 316 -1.47 -30.19 -2.41
CA ILE A 316 -2.02 -29.06 -1.64
C ILE A 316 -1.57 -29.28 -0.20
N ILE A 317 -0.66 -28.44 0.29
CA ILE A 317 0.10 -28.75 1.53
C ILE A 317 -0.17 -27.65 2.56
N ASP A 318 -0.90 -28.01 3.60
CA ASP A 318 -1.27 -27.10 4.71
C ASP A 318 -0.14 -27.11 5.76
N GLY A 319 -0.06 -26.07 6.60
CA GLY A 319 0.89 -26.04 7.71
C GLY A 319 2.00 -25.03 7.49
N GLU A 320 2.39 -24.38 8.58
CA GLU A 320 3.44 -23.33 8.63
C GLU A 320 4.79 -23.91 8.21
N GLU A 321 5.10 -25.15 8.60
CA GLU A 321 6.46 -25.72 8.41
C GLU A 321 6.70 -25.95 6.91
N ALA A 322 5.66 -26.25 6.13
CA ALA A 322 5.82 -26.52 4.69
C ALA A 322 6.30 -25.23 4.00
N PRO A 323 7.50 -25.20 3.39
CA PRO A 323 7.90 -24.03 2.62
C PRO A 323 6.97 -23.76 1.41
N VAL A 324 6.42 -24.81 0.83
CA VAL A 324 5.59 -24.77 -0.42
C VAL A 324 4.19 -25.24 -0.09
N ALA A 325 3.16 -24.50 -0.45
CA ALA A 325 1.76 -24.91 -0.17
C ALA A 325 1.12 -25.58 -1.39
N TYR A 326 1.71 -25.49 -2.56
CA TYR A 326 1.07 -26.00 -3.80
C TYR A 326 2.09 -26.39 -4.83
N THR A 327 1.89 -27.55 -5.48
CA THR A 327 2.79 -28.05 -6.53
C THR A 327 1.97 -28.50 -7.73
N LEU A 328 2.59 -28.46 -8.90
CA LEU A 328 2.05 -29.13 -10.12
C LEU A 328 3.20 -29.87 -10.81
N ASP A 329 2.88 -31.00 -11.43
CA ASP A 329 3.85 -31.66 -12.35
C ASP A 329 4.30 -30.63 -13.41
N ASP A 330 5.60 -30.43 -13.63
CA ASP A 330 6.13 -29.55 -14.71
C ASP A 330 6.93 -30.33 -15.75
N THR A 331 6.79 -31.65 -15.79
CA THR A 331 7.37 -32.53 -16.84
C THR A 331 6.94 -32.04 -18.23
N LYS A 332 7.88 -32.05 -19.17
CA LYS A 332 7.61 -31.70 -20.59
C LYS A 332 6.53 -32.64 -21.14
N PRO A 333 5.74 -32.25 -22.16
CA PRO A 333 4.71 -33.12 -22.71
C PRO A 333 5.29 -34.43 -23.27
N GLU A 334 6.57 -34.44 -23.66
CA GLU A 334 7.26 -35.61 -24.25
C GLU A 334 7.54 -36.62 -23.13
N GLY A 335 7.47 -36.18 -21.87
CA GLY A 335 7.63 -37.05 -20.69
C GLY A 335 9.03 -36.94 -20.14
N ASN A 336 9.86 -36.05 -20.70
CA ASN A 336 11.25 -35.85 -20.20
C ASN A 336 11.35 -34.53 -19.42
N TYR A 337 12.54 -34.27 -18.85
CA TYR A 337 12.84 -33.16 -17.92
C TYR A 337 11.79 -33.21 -16.81
N ALA A 338 11.61 -34.39 -16.22
CA ALA A 338 10.71 -34.60 -15.06
C ALA A 338 10.96 -33.49 -14.06
N ALA A 339 9.90 -32.86 -13.58
CA ALA A 339 10.00 -31.69 -12.69
C ALA A 339 8.74 -31.54 -11.84
N ILE A 340 8.94 -31.00 -10.65
CA ILE A 340 7.85 -30.50 -9.76
CA ILE A 340 7.85 -30.50 -9.76
C ILE A 340 8.02 -28.99 -9.63
N MET A 341 6.99 -28.23 -10.01
CA MET A 341 6.84 -26.77 -9.80
C MET A 341 6.17 -26.56 -8.46
N GLY A 342 6.73 -25.70 -7.63
CA GLY A 342 6.15 -25.33 -6.33
C GLY A 342 6.23 -23.84 -6.10
N PHE A 343 5.24 -23.28 -5.40
CA PHE A 343 5.20 -21.85 -5.03
C PHE A 343 5.52 -21.73 -3.55
N ILE A 344 6.48 -20.88 -3.20
CA ILE A 344 6.64 -20.41 -1.79
C ILE A 344 5.85 -19.11 -1.68
N LEU A 345 4.81 -19.04 -0.84
CA LEU A 345 3.78 -17.95 -0.90
C LEU A 345 3.92 -16.94 0.25
N ALA A 346 3.66 -15.67 -0.08
CA ALA A 346 3.30 -14.57 0.85
C ALA A 346 4.39 -14.46 1.92
N HIS A 347 4.09 -14.64 3.22
CA HIS A 347 5.14 -14.43 4.25
C HIS A 347 6.30 -15.41 4.08
N LYS A 348 6.06 -16.63 3.57
CA LYS A 348 7.16 -17.62 3.43
C LYS A 348 8.14 -17.18 2.33
N ALA A 349 7.72 -16.38 1.35
CA ALA A 349 8.59 -15.87 0.28
C ALA A 349 9.55 -14.88 0.95
N ARG A 350 9.06 -14.10 1.92
CA ARG A 350 9.91 -13.17 2.70
C ARG A 350 10.84 -13.96 3.62
N LYS A 351 10.30 -14.86 4.42
CA LYS A 351 11.07 -15.62 5.44
C LYS A 351 12.19 -16.45 4.78
N LEU A 352 11.90 -17.22 3.74
CA LEU A 352 12.85 -18.22 3.15
C LEU A 352 13.81 -17.56 2.15
N ALA A 353 13.58 -16.30 1.77
CA ALA A 353 14.49 -15.58 0.83
C ALA A 353 15.88 -15.44 1.46
N ARG A 354 15.97 -15.46 2.80
CA ARG A 354 17.20 -15.40 3.62
C ARG A 354 18.15 -16.57 3.30
N LEU A 355 17.60 -17.75 2.99
CA LEU A 355 18.37 -19.00 2.73
C LEU A 355 19.13 -18.89 1.41
N THR A 356 20.08 -19.79 1.18
CA THR A 356 20.72 -19.92 -0.15
C THR A 356 19.77 -20.74 -1.05
N LYS A 357 20.03 -20.73 -2.33
CA LYS A 357 19.36 -21.57 -3.35
C LYS A 357 19.46 -23.02 -2.89
N GLU A 358 20.65 -23.46 -2.43
CA GLU A 358 20.93 -24.87 -2.06
C GLU A 358 20.09 -25.24 -0.84
N GLU A 359 20.01 -24.36 0.16
CA GLU A 359 19.17 -24.60 1.35
C GLU A 359 17.68 -24.69 0.99
N ARG A 360 17.16 -23.83 0.10
CA ARG A 360 15.75 -23.92 -0.34
C ARG A 360 15.54 -25.24 -1.11
N LEU A 361 16.46 -25.62 -2.00
CA LEU A 361 16.33 -26.93 -2.71
C LEU A 361 16.20 -28.05 -1.67
N LYS A 362 17.00 -28.02 -0.61
CA LYS A 362 17.04 -29.14 0.36
C LYS A 362 15.69 -29.24 1.08
N LYS A 363 15.18 -28.10 1.56
CA LYS A 363 13.88 -28.00 2.27
C LYS A 363 12.75 -28.51 1.36
N LEU A 364 12.74 -28.15 0.07
CA LEU A 364 11.67 -28.59 -0.87
C LEU A 364 11.75 -30.11 -1.06
N CYS A 365 12.93 -30.64 -1.33
CA CYS A 365 13.12 -32.11 -1.51
C CYS A 365 12.61 -32.85 -0.27
N GLU A 366 12.97 -32.40 0.91
CA GLU A 366 12.57 -33.08 2.19
C GLU A 366 11.04 -33.03 2.35
N LEU A 367 10.43 -31.89 2.01
CA LEU A 367 8.95 -31.74 2.04
C LEU A 367 8.34 -32.74 1.04
N TYR A 368 8.83 -32.75 -0.20
CA TYR A 368 8.27 -33.58 -1.30
C TYR A 368 8.43 -35.06 -0.92
N ALA A 369 9.56 -35.42 -0.33
CA ALA A 369 9.80 -36.83 0.08
C ALA A 369 8.72 -37.24 1.10
N LYS A 370 8.46 -36.41 2.09
CA LYS A 370 7.42 -36.73 3.10
C LYS A 370 6.04 -36.78 2.44
N VAL A 371 5.69 -35.77 1.65
CA VAL A 371 4.31 -35.68 1.09
C VAL A 371 4.07 -36.84 0.13
N LEU A 372 5.04 -37.17 -0.73
CA LEU A 372 4.88 -38.24 -1.75
C LEU A 372 5.26 -39.62 -1.17
N GLY A 373 5.73 -39.68 0.08
CA GLY A 373 6.24 -40.90 0.75
C GLY A 373 7.27 -41.59 -0.13
N SER A 374 8.20 -40.83 -0.66
CA SER A 374 9.17 -41.25 -1.71
C SER A 374 10.57 -40.72 -1.40
N LEU A 375 11.53 -41.60 -1.08
CA LEU A 375 12.95 -41.21 -0.95
C LEU A 375 13.53 -40.71 -2.29
N GLU A 376 12.99 -41.09 -3.46
CA GLU A 376 13.47 -40.54 -4.75
C GLU A 376 13.44 -39.02 -4.76
N ALA A 377 12.54 -38.39 -3.99
CA ALA A 377 12.35 -36.93 -3.99
C ALA A 377 13.63 -36.27 -3.46
N LEU A 378 14.44 -37.01 -2.73
CA LEU A 378 15.71 -36.46 -2.19
C LEU A 378 16.81 -36.59 -3.27
N GLU A 379 16.50 -36.97 -4.51
CA GLU A 379 17.56 -37.11 -5.56
C GLU A 379 17.32 -36.19 -6.75
N PRO A 380 17.28 -34.86 -6.53
CA PRO A 380 17.08 -33.92 -7.62
C PRO A 380 18.30 -33.92 -8.56
N VAL A 381 18.10 -33.63 -9.84
CA VAL A 381 19.20 -33.56 -10.84
C VAL A 381 19.48 -32.09 -11.17
N HIS A 382 18.53 -31.20 -10.90
CA HIS A 382 18.58 -29.77 -11.29
C HIS A 382 17.53 -28.97 -10.51
N TYR A 383 17.74 -27.67 -10.40
CA TYR A 383 16.85 -26.76 -9.66
C TYR A 383 16.89 -25.42 -10.35
N GLU A 384 15.73 -24.79 -10.56
CA GLU A 384 15.62 -23.39 -11.01
C GLU A 384 14.63 -22.69 -10.09
N GLU A 385 14.85 -21.42 -9.79
CA GLU A 385 13.90 -20.67 -8.95
C GLU A 385 13.91 -19.19 -9.35
N LYS A 386 12.87 -18.48 -8.96
CA LYS A 386 12.81 -17.03 -9.20
C LYS A 386 11.98 -16.38 -8.10
N ASN A 387 12.63 -15.55 -7.31
CA ASN A 387 11.97 -14.70 -6.30
C ASN A 387 11.53 -13.39 -6.99
N TRP A 388 10.22 -13.23 -7.26
CA TRP A 388 9.68 -12.04 -7.96
C TRP A 388 9.64 -10.81 -7.04
N CYS A 389 9.81 -10.99 -5.72
CA CYS A 389 9.88 -9.87 -4.74
C CYS A 389 11.06 -8.95 -5.01
N GLU A 390 12.10 -9.45 -5.67
CA GLU A 390 13.35 -8.67 -5.88
C GLU A 390 13.33 -7.86 -7.18
N GLU A 391 12.27 -7.92 -7.97
CA GLU A 391 12.23 -7.24 -9.30
C GLU A 391 11.78 -5.78 -9.17
N GLN A 392 12.71 -4.87 -9.45
CA GLN A 392 12.47 -3.40 -9.50
C GLN A 392 11.31 -3.10 -10.48
N TYR A 393 11.23 -3.80 -11.61
CA TYR A 393 10.30 -3.43 -12.71
C TYR A 393 9.11 -4.40 -12.75
N SER A 394 8.86 -5.13 -11.67
CA SER A 394 7.61 -5.90 -11.44
C SER A 394 6.98 -5.46 -10.11
N GLY A 395 7.78 -5.46 -9.03
CA GLY A 395 7.38 -5.10 -7.65
C GLY A 395 6.86 -6.31 -6.90
N GLY A 396 6.57 -7.41 -7.61
CA GLY A 396 6.11 -8.68 -7.04
C GLY A 396 5.43 -9.55 -8.08
N CYS A 397 4.75 -10.60 -7.62
CA CYS A 397 3.90 -11.46 -8.45
C CYS A 397 2.87 -12.13 -7.55
N TYR A 398 1.77 -12.65 -8.14
CA TYR A 398 1.48 -12.58 -9.57
C TYR A 398 1.02 -11.18 -9.97
N THR A 399 0.35 -10.50 -9.05
CA THR A 399 -0.41 -9.27 -9.36
C THR A 399 -0.58 -8.39 -8.12
N THR A 400 -1.25 -7.26 -8.36
CA THR A 400 -1.61 -6.20 -7.40
C THR A 400 -2.78 -6.69 -6.55
N TYR A 401 -2.63 -6.61 -5.24
CA TYR A 401 -3.75 -6.84 -4.31
C TYR A 401 -4.13 -5.49 -3.67
N PHE A 402 -5.37 -5.41 -3.22
CA PHE A 402 -5.92 -4.18 -2.61
C PHE A 402 -6.15 -4.45 -1.14
N PRO A 403 -5.46 -3.70 -0.25
CA PRO A 403 -5.72 -3.75 1.19
C PRO A 403 -7.09 -3.19 1.51
N PRO A 404 -7.59 -3.46 2.73
CA PRO A 404 -8.90 -2.98 3.17
C PRO A 404 -9.05 -1.48 2.91
N GLY A 405 -10.15 -1.12 2.26
CA GLY A 405 -10.64 0.27 2.21
C GLY A 405 -10.25 0.96 0.92
N ILE A 406 -9.43 0.32 0.09
CA ILE A 406 -8.78 0.98 -1.08
C ILE A 406 -9.64 0.83 -2.33
N LEU A 407 -10.22 -0.36 -2.57
CA LEU A 407 -10.95 -0.60 -3.85
C LEU A 407 -12.18 0.32 -3.94
N THR A 408 -12.88 0.59 -2.83
CA THR A 408 -14.08 1.47 -2.88
C THR A 408 -13.64 2.95 -3.01
N GLN A 409 -12.53 3.36 -2.40
CA GLN A 409 -12.11 4.78 -2.37
C GLN A 409 -11.39 5.14 -3.68
N TYR A 410 -10.66 4.21 -4.27
CA TYR A 410 -9.72 4.53 -5.38
C TYR A 410 -9.95 3.67 -6.62
N GLY A 411 -10.75 2.60 -6.54
CA GLY A 411 -10.84 1.59 -7.63
C GLY A 411 -11.27 2.23 -8.92
N ARG A 412 -12.13 3.23 -8.86
CA ARG A 412 -12.71 3.82 -10.09
C ARG A 412 -11.63 4.53 -10.93
N VAL A 413 -10.46 4.90 -10.39
CA VAL A 413 -9.51 5.69 -11.22
C VAL A 413 -8.49 4.74 -11.87
N LEU A 414 -8.55 3.45 -11.57
CA LEU A 414 -7.55 2.45 -12.02
C LEU A 414 -7.39 2.55 -13.56
N ARG A 415 -8.46 2.56 -14.36
CA ARG A 415 -8.34 2.66 -15.84
C ARG A 415 -8.97 3.96 -16.37
N GLN A 416 -9.13 4.96 -15.51
CA GLN A 416 -9.56 6.30 -15.95
C GLN A 416 -8.42 7.03 -16.68
N PRO A 417 -8.61 7.46 -17.95
CA PRO A 417 -7.54 8.16 -18.67
C PRO A 417 -7.11 9.41 -17.89
N VAL A 418 -5.82 9.73 -17.95
CA VAL A 418 -5.28 11.02 -17.44
C VAL A 418 -4.83 11.81 -18.67
N ASP A 419 -5.71 12.68 -19.15
CA ASP A 419 -5.51 13.50 -20.37
C ASP A 419 -5.25 12.56 -21.55
N ARG A 420 -4.01 12.39 -21.99
CA ARG A 420 -3.70 11.53 -23.19
C ARG A 420 -2.96 10.24 -22.81
N ILE A 421 -2.90 9.93 -21.49
CA ILE A 421 -2.44 8.62 -20.94
C ILE A 421 -3.65 7.68 -20.70
N TYR A 422 -3.63 6.52 -21.34
CA TYR A 422 -4.60 5.41 -21.19
C TYR A 422 -3.88 4.29 -20.41
N PHE A 423 -4.63 3.48 -19.68
CA PHE A 423 -4.05 2.47 -18.78
C PHE A 423 -4.43 1.05 -19.22
N ALA A 424 -3.38 0.29 -19.50
CA ALA A 424 -3.43 -1.16 -19.79
C ALA A 424 -2.87 -1.88 -18.57
N GLY A 425 -2.36 -3.10 -18.76
CA GLY A 425 -1.87 -3.97 -17.68
C GLY A 425 -3.00 -4.79 -17.11
N THR A 426 -2.67 -6.01 -16.69
CA THR A 426 -3.65 -7.04 -16.32
C THR A 426 -4.52 -6.50 -15.18
N GLU A 427 -3.97 -5.63 -14.33
CA GLU A 427 -4.68 -5.06 -13.16
C GLU A 427 -5.94 -4.31 -13.60
N THR A 428 -5.99 -3.79 -14.85
CA THR A 428 -7.14 -3.01 -15.36
C THR A 428 -8.16 -3.87 -16.11
N ALA A 429 -7.94 -5.20 -16.26
CA ALA A 429 -8.89 -6.14 -16.90
C ALA A 429 -10.16 -6.34 -16.06
N THR A 430 -11.24 -6.80 -16.72
CA THR A 430 -12.53 -7.18 -16.08
C THR A 430 -12.76 -8.70 -16.10
N HIS A 431 -11.95 -9.47 -16.82
CA HIS A 431 -12.04 -10.95 -16.90
C HIS A 431 -10.60 -11.49 -16.82
N TRP A 432 -10.29 -12.28 -15.79
CA TRP A 432 -8.93 -12.81 -15.51
C TRP A 432 -7.91 -11.67 -15.35
N SER A 433 -8.29 -10.57 -14.71
CA SER A 433 -7.33 -9.64 -14.10
C SER A 433 -6.36 -10.46 -13.23
N GLY A 434 -5.06 -10.12 -13.30
CA GLY A 434 -3.96 -10.83 -12.62
C GLY A 434 -3.26 -11.85 -13.48
N TYR A 435 -3.84 -12.20 -14.63
CA TYR A 435 -3.36 -13.25 -15.56
C TYR A 435 -2.94 -12.68 -16.93
N MET A 436 -2.29 -13.53 -17.70
CA MET A 436 -1.89 -13.23 -19.10
C MET A 436 -3.13 -12.84 -19.91
N GLU A 437 -4.26 -13.51 -19.70
CA GLU A 437 -5.56 -13.23 -20.33
C GLU A 437 -5.93 -11.78 -20.08
N GLY A 438 -5.94 -11.37 -18.81
CA GLY A 438 -6.26 -10.00 -18.43
C GLY A 438 -5.33 -9.00 -19.08
N ALA A 439 -4.06 -9.35 -19.23
CA ALA A 439 -3.06 -8.48 -19.89
C ALA A 439 -3.48 -8.22 -21.33
N VAL A 440 -3.97 -9.26 -22.03
CA VAL A 440 -4.41 -9.13 -23.44
C VAL A 440 -5.67 -8.27 -23.49
N GLU A 441 -6.67 -8.54 -22.66
CA GLU A 441 -7.93 -7.76 -22.65
C GLU A 441 -7.58 -6.28 -22.41
N ALA A 442 -6.78 -6.00 -21.39
CA ALA A 442 -6.49 -4.60 -21.00
C ALA A 442 -5.73 -3.87 -22.12
N GLY A 443 -4.77 -4.54 -22.74
CA GLY A 443 -3.90 -3.93 -23.76
C GLY A 443 -4.68 -3.57 -24.99
N GLU A 444 -5.53 -4.49 -25.44
CA GLU A 444 -6.39 -4.32 -26.63
C GLU A 444 -7.48 -3.28 -26.35
N ARG A 445 -8.01 -3.26 -25.13
CA ARG A 445 -9.04 -2.27 -24.72
C ARG A 445 -8.42 -0.86 -24.74
N ALA A 446 -7.23 -0.66 -24.18
CA ALA A 446 -6.57 0.68 -24.11
C ALA A 446 -6.21 1.17 -25.52
N ALA A 447 -5.69 0.26 -26.35
CA ALA A 447 -5.38 0.53 -27.78
C ALA A 447 -6.65 1.04 -28.46
N ARG A 448 -7.79 0.37 -28.28
CA ARG A 448 -9.08 0.72 -28.90
C ARG A 448 -9.61 2.03 -28.28
N GLU A 449 -9.37 2.30 -27.01
CA GLU A 449 -9.70 3.64 -26.42
C GLU A 449 -9.02 4.76 -27.22
N ILE A 450 -7.76 4.58 -27.54
CA ILE A 450 -6.97 5.57 -28.34
C ILE A 450 -7.55 5.61 -29.77
N LEU A 451 -7.81 4.46 -30.41
CA LEU A 451 -8.43 4.42 -31.76
C LEU A 451 -9.75 5.22 -31.75
N HIS A 452 -10.52 5.11 -30.66
CA HIS A 452 -11.77 5.90 -30.48
C HIS A 452 -11.41 7.38 -30.38
N ALA A 453 -10.49 7.76 -29.49
CA ALA A 453 -10.06 9.17 -29.30
C ALA A 453 -9.66 9.76 -30.65
N MET A 454 -9.06 9.00 -31.56
CA MET A 454 -8.58 9.52 -32.88
C MET A 454 -9.72 9.47 -33.93
N GLY A 455 -10.94 9.05 -33.55
CA GLY A 455 -12.10 8.86 -34.44
C GLY A 455 -11.92 7.74 -35.47
N LYS A 456 -11.12 6.72 -35.20
CA LYS A 456 -10.97 5.57 -36.13
C LYS A 456 -12.01 4.50 -35.85
N ILE A 457 -12.63 4.43 -34.66
CA ILE A 457 -13.70 3.44 -34.38
C ILE A 457 -14.76 4.12 -33.56
N PRO A 458 -16.03 3.63 -33.61
CA PRO A 458 -17.08 4.10 -32.72
C PRO A 458 -16.91 3.59 -31.27
N GLU A 459 -17.56 4.26 -30.32
CA GLU A 459 -17.42 3.95 -28.88
C GLU A 459 -17.75 2.47 -28.61
N ASP A 460 -18.76 1.89 -29.25
CA ASP A 460 -19.22 0.51 -28.99
C ASP A 460 -18.18 -0.51 -29.44
N GLU A 461 -17.08 -0.12 -30.08
CA GLU A 461 -15.99 -1.06 -30.46
C GLU A 461 -14.83 -1.02 -29.46
N ILE A 462 -14.88 -0.15 -28.43
CA ILE A 462 -13.76 -0.08 -27.44
C ILE A 462 -13.66 -1.43 -26.69
N TRP A 463 -14.77 -1.92 -26.13
CA TRP A 463 -14.86 -3.22 -25.42
C TRP A 463 -15.40 -4.27 -26.39
N GLN A 464 -14.63 -5.31 -26.68
CA GLN A 464 -15.05 -6.32 -27.66
C GLN A 464 -15.00 -7.69 -27.03
N SER A 465 -16.07 -8.47 -27.20
CA SER A 465 -16.16 -9.88 -26.75
C SER A 465 -15.22 -10.73 -27.62
N GLU A 466 -14.81 -11.89 -27.11
CA GLU A 466 -13.85 -12.81 -27.75
C GLU A 466 -14.56 -14.11 -28.07
N PRO A 467 -14.52 -14.58 -29.34
CA PRO A 467 -15.01 -15.92 -29.65
C PRO A 467 -14.30 -16.99 -28.78
N GLU A 468 -15.04 -18.03 -28.40
CA GLU A 468 -14.55 -19.18 -27.60
C GLU A 468 -13.50 -19.94 -28.42
N SER A 469 -12.37 -20.28 -27.80
CA SER A 469 -11.34 -21.12 -28.45
C SER A 469 -12.01 -22.43 -28.93
N VAL A 470 -11.72 -22.86 -30.16
CA VAL A 470 -12.17 -24.18 -30.68
C VAL A 470 -11.19 -25.26 -30.16
N ASP A 471 -10.01 -24.86 -29.69
CA ASP A 471 -8.93 -25.78 -29.23
C ASP A 471 -9.09 -26.05 -27.72
N VAL A 472 -9.56 -25.08 -26.94
CA VAL A 472 -9.69 -25.20 -25.45
C VAL A 472 -11.12 -24.83 -25.08
N PRO A 473 -12.09 -25.73 -25.35
CA PRO A 473 -13.50 -25.44 -25.07
C PRO A 473 -13.74 -25.40 -23.56
N ALA A 474 -14.66 -24.57 -23.09
CA ALA A 474 -14.94 -24.43 -21.66
C ALA A 474 -16.17 -25.29 -21.28
N GLN A 475 -15.97 -26.32 -20.46
CA GLN A 475 -17.08 -27.06 -19.79
C GLN A 475 -17.69 -26.07 -18.81
N PRO A 476 -19.04 -26.04 -18.68
CA PRO A 476 -19.70 -25.07 -17.84
C PRO A 476 -19.44 -25.49 -16.40
N ILE A 477 -19.61 -24.58 -15.45
CA ILE A 477 -19.45 -24.87 -14.01
C ILE A 477 -20.83 -25.24 -13.48
N THR A 478 -21.00 -26.40 -12.87
CA THR A 478 -22.34 -26.89 -12.45
C THR A 478 -22.27 -27.25 -10.97
N THR A 479 -23.39 -27.19 -10.30
CA THR A 479 -23.56 -27.67 -8.90
C THR A 479 -24.63 -28.76 -8.88
N THR A 480 -24.60 -29.61 -7.85
CA THR A 480 -25.64 -30.63 -7.55
C THR A 480 -26.67 -30.03 -6.61
N PHE A 481 -27.86 -30.59 -6.61
CA PHE A 481 -28.97 -30.19 -5.71
C PHE A 481 -28.46 -30.03 -4.26
N LEU A 482 -27.70 -30.99 -3.77
CA LEU A 482 -27.30 -31.02 -2.33
C LEU A 482 -26.33 -29.85 -2.07
N GLU A 483 -25.43 -29.60 -3.03
CA GLU A 483 -24.45 -28.48 -2.93
C GLU A 483 -25.20 -27.17 -2.80
N ARG A 484 -26.21 -26.95 -3.63
CA ARG A 484 -27.04 -25.73 -3.60
C ARG A 484 -27.83 -25.60 -2.29
N HIS A 485 -28.35 -26.67 -1.71
CA HIS A 485 -29.41 -26.56 -0.66
C HIS A 485 -28.93 -27.02 0.72
N LEU A 486 -27.83 -27.77 0.86
CA LEU A 486 -27.37 -28.24 2.19
C LEU A 486 -27.15 -27.01 3.06
N PRO A 487 -27.53 -27.05 4.35
CA PRO A 487 -27.42 -25.87 5.20
C PRO A 487 -25.95 -25.60 5.56
N SER A 488 -25.68 -24.36 5.95
CA SER A 488 -24.42 -23.96 6.62
C SER A 488 -24.44 -24.61 8.00
N VAL A 489 -23.33 -24.54 8.73
CA VAL A 489 -23.31 -25.00 10.15
C VAL A 489 -24.31 -24.17 10.94
N PRO A 490 -24.31 -22.82 10.88
CA PRO A 490 -25.32 -22.05 11.62
C PRO A 490 -26.75 -22.32 11.14
N GLY A 491 -26.95 -22.56 9.86
CA GLY A 491 -28.25 -22.95 9.28
C GLY A 491 -28.75 -24.23 9.92
N LEU A 492 -27.90 -25.25 10.03
CA LEU A 492 -28.22 -26.53 10.72
C LEU A 492 -28.56 -26.30 12.21
N LEU A 493 -27.80 -25.47 12.92
CA LEU A 493 -28.04 -25.18 14.36
C LEU A 493 -29.41 -24.49 14.50
N ARG A 494 -29.76 -23.63 13.56
CA ARG A 494 -31.08 -22.95 13.52
C ARG A 494 -32.16 -24.02 13.38
N LEU A 495 -32.02 -24.97 12.43
CA LEU A 495 -32.97 -26.08 12.25
C LEU A 495 -33.16 -26.82 13.58
N ILE A 496 -32.06 -27.31 14.16
CA ILE A 496 -32.01 -27.98 15.50
C ILE A 496 -32.80 -27.15 16.52
N GLY A 497 -32.43 -25.89 16.72
CA GLY A 497 -33.12 -24.93 17.61
C GLY A 497 -34.64 -24.99 17.48
N LEU A 498 -35.16 -25.04 16.25
CA LEU A 498 -36.61 -24.92 15.93
C LEU A 498 -37.34 -26.25 16.21
N THR A 499 -36.84 -27.37 15.68
CA THR A 499 -37.33 -28.74 16.00
C THR A 499 -37.50 -28.84 17.52
N THR A 500 -36.41 -28.61 18.25
CA THR A 500 -36.30 -28.73 19.73
C THR A 500 -37.31 -27.79 20.42
N ILE A 501 -37.80 -26.74 19.73
CA ILE A 501 -38.90 -25.85 20.18
C ILE A 501 -40.24 -26.37 19.62
N SER B 2 30.35 16.24 -13.18
CA SER B 2 29.50 15.97 -11.98
C SER B 2 29.94 16.86 -10.81
N ASN B 3 28.97 17.25 -9.97
CA ASN B 3 29.17 18.19 -8.83
C ASN B 3 29.55 17.34 -7.60
N LYS B 4 30.75 17.49 -7.05
CA LYS B 4 31.28 16.53 -6.05
C LYS B 4 31.09 17.09 -4.65
N CYS B 5 30.73 16.23 -3.69
CA CYS B 5 30.58 16.62 -2.28
C CYS B 5 30.79 15.38 -1.43
N ASP B 6 30.74 15.54 -0.12
CA ASP B 6 30.82 14.47 0.92
C ASP B 6 29.47 13.74 1.01
N VAL B 7 28.36 14.48 1.15
CA VAL B 7 27.02 13.87 1.34
C VAL B 7 25.96 14.61 0.51
N VAL B 8 25.20 13.85 -0.26
CA VAL B 8 23.96 14.30 -0.92
C VAL B 8 22.79 13.95 0.01
N VAL B 9 22.01 14.95 0.39
CA VAL B 9 20.71 14.75 1.12
C VAL B 9 19.59 14.89 0.10
N VAL B 10 18.78 13.83 -0.05
CA VAL B 10 17.60 13.87 -0.92
C VAL B 10 16.40 14.32 -0.10
N GLY B 11 15.90 15.54 -0.37
CA GLY B 11 14.75 16.13 0.33
C GLY B 11 15.16 17.26 1.26
N GLY B 12 14.54 18.41 1.10
CA GLY B 12 14.73 19.61 1.94
C GLY B 12 13.54 19.89 2.82
N GLY B 13 12.96 18.85 3.40
CA GLY B 13 12.01 18.99 4.50
C GLY B 13 12.79 19.24 5.77
N ILE B 14 12.13 19.26 6.92
CA ILE B 14 12.82 19.42 8.23
C ILE B 14 13.84 18.29 8.40
N SER B 15 13.55 17.05 8.02
CA SER B 15 14.50 15.93 8.26
C SER B 15 15.78 16.15 7.45
N GLY B 16 15.68 16.36 6.14
CA GLY B 16 16.83 16.55 5.24
C GLY B 16 17.62 17.78 5.68
N MET B 17 16.92 18.87 5.99
CA MET B 17 17.57 20.13 6.41
C MET B 17 18.30 19.89 7.75
N ALA B 18 17.70 19.21 8.73
CA ALA B 18 18.36 18.97 10.04
C ALA B 18 19.64 18.13 9.85
N ALA B 19 19.58 17.11 8.98
CA ALA B 19 20.73 16.24 8.62
C ALA B 19 21.81 17.10 7.96
N ALA B 20 21.46 17.93 6.97
CA ALA B 20 22.43 18.76 6.22
C ALA B 20 23.09 19.77 7.17
N LYS B 21 22.32 20.43 8.03
CA LYS B 21 22.87 21.35 9.04
C LYS B 21 23.92 20.62 9.91
N LEU B 22 23.57 19.44 10.47
CA LEU B 22 24.49 18.74 11.40
C LEU B 22 25.79 18.41 10.65
N LEU B 23 25.71 17.89 9.43
CA LEU B 23 26.89 17.46 8.63
C LEU B 23 27.73 18.69 8.25
N HIS B 24 27.07 19.77 7.83
CA HIS B 24 27.71 21.07 7.52
C HIS B 24 28.44 21.60 8.76
N ASP B 25 27.78 21.58 9.91
CA ASP B 25 28.36 22.11 11.18
C ASP B 25 29.60 21.30 11.56
N SER B 26 29.68 20.04 11.15
CA SER B 26 30.83 19.14 11.45
CA SER B 26 30.83 19.12 11.44
C SER B 26 31.94 19.33 10.41
N GLY B 27 31.69 20.14 9.36
CA GLY B 27 32.74 20.50 8.39
C GLY B 27 32.66 19.71 7.09
N LEU B 28 31.62 18.91 6.85
CA LEU B 28 31.48 18.17 5.58
C LEU B 28 30.79 19.05 4.55
N ASN B 29 31.08 18.79 3.27
CA ASN B 29 30.43 19.50 2.15
C ASN B 29 29.13 18.77 1.80
N VAL B 30 28.01 19.44 1.99
CA VAL B 30 26.68 18.81 1.79
C VAL B 30 26.02 19.51 0.63
N VAL B 31 25.25 18.74 -0.12
CA VAL B 31 24.27 19.25 -1.09
C VAL B 31 22.91 18.68 -0.70
N VAL B 32 21.88 19.50 -0.72
CA VAL B 32 20.47 19.10 -0.52
C VAL B 32 19.77 19.21 -1.88
N LEU B 33 19.24 18.10 -2.37
CA LEU B 33 18.50 18.06 -3.67
C LEU B 33 17.01 18.03 -3.34
N GLU B 34 16.30 19.10 -3.70
CA GLU B 34 14.88 19.32 -3.35
C GLU B 34 14.09 19.31 -4.66
N ALA B 35 13.08 18.44 -4.77
CA ALA B 35 12.19 18.26 -5.94
C ALA B 35 11.44 19.56 -6.22
N ARG B 36 10.96 20.24 -5.19
CA ARG B 36 10.03 21.39 -5.34
C ARG B 36 10.81 22.69 -5.55
N ASP B 37 10.10 23.73 -5.94
CA ASP B 37 10.61 25.11 -5.99
C ASP B 37 10.66 25.70 -4.57
N ARG B 38 10.51 24.91 -3.51
CA ARG B 38 10.58 25.43 -2.12
C ARG B 38 11.13 24.35 -1.20
N VAL B 39 11.53 24.73 0.00
CA VAL B 39 11.90 23.78 1.08
C VAL B 39 10.70 23.66 2.02
N GLY B 40 10.72 22.75 2.97
CA GLY B 40 9.70 22.61 4.01
C GLY B 40 8.89 21.33 3.88
N GLY B 41 8.75 20.80 2.67
CA GLY B 41 7.98 19.58 2.39
C GLY B 41 6.57 19.61 3.01
N ARG B 42 6.30 18.80 4.04
CA ARG B 42 4.95 18.69 4.66
C ARG B 42 4.73 19.84 5.63
N THR B 43 5.72 20.72 5.79
CA THR B 43 5.51 22.08 6.31
C THR B 43 5.50 23.10 5.18
N TYR B 44 4.57 24.03 5.25
CA TYR B 44 4.38 25.11 4.25
C TYR B 44 3.68 26.30 4.93
N THR B 45 4.41 27.39 5.09
CA THR B 45 3.88 28.66 5.63
C THR B 45 3.63 29.62 4.45
N LEU B 46 2.36 29.96 4.23
CA LEU B 46 1.94 30.98 3.23
C LEU B 46 1.85 32.33 3.91
N ARG B 47 2.38 33.36 3.24
CA ARG B 47 2.28 34.76 3.69
C ARG B 47 1.46 35.58 2.68
N ASN B 48 0.53 36.35 3.22
CA ASN B 48 -0.19 37.43 2.47
C ASN B 48 -0.79 38.39 3.49
N GLN B 49 -1.30 39.52 3.00
CA GLN B 49 -1.72 40.64 3.87
C GLN B 49 -2.92 40.17 4.70
N LYS B 50 -3.75 39.29 4.15
CA LYS B 50 -5.03 38.88 4.80
C LYS B 50 -4.73 37.98 6.00
N VAL B 51 -3.71 37.10 5.94
CA VAL B 51 -3.44 36.11 7.03
C VAL B 51 -2.20 36.52 7.83
N LYS B 52 -1.37 37.40 7.27
CA LYS B 52 0.04 37.69 7.66
C LYS B 52 0.88 36.44 7.34
N TYR B 53 0.72 35.36 8.11
CA TYR B 53 1.31 34.03 7.79
C TYR B 53 0.31 32.94 8.21
N VAL B 54 0.31 31.80 7.54
CA VAL B 54 -0.50 30.65 7.99
C VAL B 54 0.25 29.36 7.65
N ASP B 55 0.26 28.44 8.62
CA ASP B 55 0.79 27.06 8.43
C ASP B 55 -0.31 26.26 7.74
N LEU B 56 -0.07 25.85 6.49
CA LEU B 56 -1.00 25.04 5.70
C LEU B 56 -0.60 23.57 5.81
N GLY B 57 0.58 23.30 6.35
CA GLY B 57 1.04 21.94 6.69
C GLY B 57 1.26 21.80 8.18
N GLY B 58 2.24 21.00 8.58
CA GLY B 58 2.66 20.86 9.98
C GLY B 58 2.82 22.21 10.68
N SER B 59 2.34 22.30 11.91
CA SER B 59 2.23 23.56 12.69
C SER B 59 2.54 23.39 14.19
N TYR B 60 1.93 22.43 14.85
CA TYR B 60 1.94 22.36 16.34
C TYR B 60 3.19 21.65 16.84
N VAL B 61 3.67 22.17 17.94
CA VAL B 61 4.74 21.56 18.77
C VAL B 61 4.29 21.66 20.22
N GLY B 62 4.84 20.78 21.04
CA GLY B 62 4.47 20.70 22.46
C GLY B 62 5.59 20.13 23.31
N PRO B 63 5.34 20.08 24.62
CA PRO B 63 6.27 19.47 25.55
C PRO B 63 6.63 18.03 25.14
N THR B 64 7.88 17.69 25.46
CA THR B 64 8.60 16.42 25.16
C THR B 64 9.09 16.43 23.71
N GLN B 65 8.78 17.45 22.90
CA GLN B 65 9.34 17.56 21.52
C GLN B 65 10.59 18.45 21.57
N ASN B 66 11.60 18.02 22.30
CA ASN B 66 12.74 18.87 22.69
C ASN B 66 13.69 19.11 21.52
N ARG B 67 13.75 18.22 20.54
CA ARG B 67 14.66 18.39 19.38
C ARG B 67 14.18 19.51 18.45
N ILE B 68 12.90 19.54 18.08
CA ILE B 68 12.33 20.61 17.21
C ILE B 68 12.37 21.96 17.97
N LEU B 69 12.10 21.96 19.27
CA LEU B 69 12.18 23.20 20.07
C LEU B 69 13.62 23.74 20.11
N ARG B 70 14.62 22.88 20.27
CA ARG B 70 16.06 23.28 20.34
C ARG B 70 16.52 23.80 18.97
N LEU B 71 16.27 23.05 17.89
CA LEU B 71 16.65 23.48 16.51
C LEU B 71 15.97 24.82 16.19
N ALA B 72 14.66 24.93 16.40
CA ALA B 72 13.89 26.17 16.13
C ALA B 72 14.51 27.32 16.95
N LYS B 73 14.83 27.09 18.21
CA LYS B 73 15.33 28.17 19.08
C LYS B 73 16.69 28.65 18.56
N GLU B 74 17.55 27.74 18.09
CA GLU B 74 18.88 28.06 17.57
C GLU B 74 18.72 28.90 16.31
N LEU B 75 17.69 28.62 15.51
CA LEU B 75 17.43 29.37 14.27
C LEU B 75 16.76 30.71 14.56
N GLY B 76 16.45 31.01 15.83
CA GLY B 76 15.93 32.32 16.28
C GLY B 76 14.39 32.34 16.28
N LEU B 77 13.74 31.19 16.32
CA LEU B 77 12.25 31.11 16.33
C LEU B 77 11.75 31.09 17.77
N GLU B 78 10.52 31.55 17.93
CA GLU B 78 9.77 31.66 19.22
C GLU B 78 8.45 30.94 19.03
N THR B 79 7.86 30.42 20.11
CA THR B 79 6.53 29.78 20.08
C THR B 79 5.51 30.65 20.82
N TYR B 80 4.24 30.40 20.53
CA TYR B 80 3.12 30.97 21.30
C TYR B 80 2.15 29.80 21.55
N LYS B 81 1.31 30.00 22.55
CA LYS B 81 0.37 28.95 23.02
C LYS B 81 -0.91 29.00 22.21
N VAL B 82 -1.34 27.83 21.72
CA VAL B 82 -2.65 27.65 21.06
C VAL B 82 -3.72 28.01 22.09
N ASN B 83 -4.75 28.74 21.68
CA ASN B 83 -5.74 29.26 22.66
C ASN B 83 -6.51 28.10 23.26
N GLU B 84 -6.42 27.90 24.58
CA GLU B 84 -7.26 26.90 25.30
C GLU B 84 -7.68 27.47 26.66
N VAL B 85 -7.90 28.77 26.75
CA VAL B 85 -8.34 29.42 28.01
C VAL B 85 -9.79 29.04 28.32
N GLU B 86 -10.68 29.03 27.34
CA GLU B 86 -12.14 28.86 27.53
C GLU B 86 -12.48 27.39 27.30
N ARG B 87 -13.75 27.06 27.18
CA ARG B 87 -14.22 25.66 27.20
C ARG B 87 -14.08 25.08 25.80
N LEU B 88 -13.73 23.82 25.74
CA LEU B 88 -13.78 22.98 24.53
C LEU B 88 -15.25 22.63 24.25
N ILE B 89 -15.54 22.21 23.03
CA ILE B 89 -16.89 21.70 22.69
C ILE B 89 -16.78 20.27 22.17
N HIS B 90 -17.63 19.41 22.68
CA HIS B 90 -17.94 18.11 22.03
C HIS B 90 -19.32 18.21 21.42
N HIS B 91 -19.44 18.09 20.09
CA HIS B 91 -20.75 18.15 19.42
C HIS B 91 -21.22 16.71 19.17
N VAL B 92 -22.30 16.30 19.82
CA VAL B 92 -22.81 14.89 19.84
C VAL B 92 -24.28 14.92 19.46
N LYS B 93 -24.67 14.16 18.44
CA LYS B 93 -26.09 14.00 18.06
C LYS B 93 -26.72 15.38 17.94
N GLY B 94 -26.08 16.30 17.20
CA GLY B 94 -26.62 17.63 16.88
C GLY B 94 -26.61 18.62 18.01
N LYS B 95 -25.88 18.41 19.10
CA LYS B 95 -25.85 19.40 20.21
C LYS B 95 -24.42 19.56 20.74
N SER B 96 -24.09 20.79 21.14
CA SER B 96 -22.78 21.17 21.72
C SER B 96 -22.81 21.01 23.24
N TYR B 97 -21.82 20.28 23.76
CA TYR B 97 -21.57 20.02 25.19
C TYR B 97 -20.20 20.59 25.52
N PRO B 98 -20.17 21.80 26.11
CA PRO B 98 -18.90 22.43 26.47
C PRO B 98 -18.24 21.73 27.67
N PHE B 99 -16.92 21.70 27.72
CA PHE B 99 -16.19 20.93 28.75
C PHE B 99 -14.80 21.56 28.95
N ARG B 100 -14.13 21.15 30.01
CA ARG B 100 -12.75 21.55 30.35
C ARG B 100 -11.92 20.28 30.55
N GLY B 101 -10.60 20.34 30.43
CA GLY B 101 -9.74 19.15 30.53
C GLY B 101 -9.67 18.47 29.17
N PRO B 102 -8.73 17.54 28.96
CA PRO B 102 -8.43 17.07 27.61
C PRO B 102 -9.41 16.07 26.97
N PHE B 103 -10.17 15.35 27.81
CA PHE B 103 -11.06 14.23 27.39
C PHE B 103 -12.51 14.71 27.50
N PRO B 104 -13.34 14.56 26.46
CA PRO B 104 -14.75 14.93 26.55
C PRO B 104 -15.46 14.05 27.58
N PRO B 105 -16.22 14.62 28.51
CA PRO B 105 -16.85 13.81 29.55
C PRO B 105 -18.06 13.03 29.00
N VAL B 106 -18.42 12.03 29.79
CA VAL B 106 -19.47 11.01 29.54
C VAL B 106 -20.26 10.92 30.85
N TRP B 107 -21.58 10.96 30.77
CA TRP B 107 -22.49 11.00 31.96
C TRP B 107 -23.15 9.63 32.20
N ASN B 108 -23.43 8.84 31.18
CA ASN B 108 -24.03 7.49 31.38
C ASN B 108 -22.98 6.60 32.05
N PRO B 109 -23.32 5.88 33.15
CA PRO B 109 -22.31 5.09 33.88
C PRO B 109 -21.70 3.95 33.06
N ILE B 110 -22.49 3.35 32.15
CA ILE B 110 -22.02 2.23 31.28
C ILE B 110 -21.05 2.81 30.25
N THR B 111 -21.46 3.88 29.58
CA THR B 111 -20.66 4.61 28.58
C THR B 111 -19.37 5.08 29.27
N TYR B 112 -19.50 5.62 30.49
CA TYR B 112 -18.34 6.07 31.30
C TYR B 112 -17.33 4.93 31.43
N LEU B 113 -17.76 3.76 31.89
CA LEU B 113 -16.87 2.58 32.07
C LEU B 113 -16.21 2.24 30.72
N ASP B 114 -16.99 2.30 29.63
CA ASP B 114 -16.55 1.84 28.29
C ASP B 114 -15.50 2.80 27.76
N HIS B 115 -15.71 4.11 27.93
CA HIS B 115 -14.78 5.18 27.48
C HIS B 115 -13.48 5.06 28.27
N ASN B 116 -13.60 4.98 29.59
CA ASN B 116 -12.46 4.91 30.52
C ASN B 116 -11.59 3.69 30.13
N ASN B 117 -12.24 2.59 29.81
CA ASN B 117 -11.54 1.32 29.51
C ASN B 117 -10.82 1.45 28.18
N PHE B 118 -11.41 2.16 27.23
CA PHE B 118 -10.87 2.22 25.85
C PHE B 118 -9.51 2.93 25.91
N TRP B 119 -9.46 4.13 26.49
CA TRP B 119 -8.22 4.93 26.56
C TRP B 119 -7.18 4.17 27.37
N ARG B 120 -7.59 3.58 28.48
CA ARG B 120 -6.69 2.89 29.42
C ARG B 120 -6.05 1.68 28.72
N THR B 121 -6.85 0.96 27.94
CA THR B 121 -6.41 -0.25 27.22
C THR B 121 -5.43 0.13 26.12
N MET B 122 -5.65 1.25 25.43
CA MET B 122 -4.69 1.73 24.39
C MET B 122 -3.28 1.94 24.99
N ASP B 123 -3.18 2.61 26.14
CA ASP B 123 -1.90 2.81 26.87
C ASP B 123 -1.41 1.48 27.46
N ASP B 124 -2.27 0.62 28.01
CA ASP B 124 -1.82 -0.68 28.58
C ASP B 124 -1.16 -1.50 27.47
N MET B 125 -1.82 -1.52 26.31
CA MET B 125 -1.25 -2.26 25.15
C MET B 125 0.09 -1.64 24.73
N GLY B 126 0.16 -0.31 24.67
CA GLY B 126 1.37 0.38 24.22
C GLY B 126 2.57 0.08 25.11
N ARG B 127 2.35 -0.18 26.39
CA ARG B 127 3.47 -0.43 27.34
C ARG B 127 4.23 -1.67 26.91
N GLU B 128 3.64 -2.58 26.12
CA GLU B 128 4.35 -3.80 25.69
C GLU B 128 4.99 -3.60 24.30
N ILE B 129 5.00 -2.38 23.76
CA ILE B 129 5.51 -2.18 22.36
C ILE B 129 6.76 -1.32 22.39
N PRO B 130 7.95 -1.88 22.12
CA PRO B 130 9.18 -1.08 22.12
C PRO B 130 9.10 0.00 21.04
N SER B 131 9.39 1.24 21.42
CA SER B 131 9.43 2.39 20.49
C SER B 131 10.34 2.12 19.29
N ASP B 132 11.52 1.54 19.51
CA ASP B 132 12.54 1.39 18.45
C ASP B 132 12.35 0.06 17.70
N ALA B 133 11.35 -0.72 18.05
CA ALA B 133 11.15 -2.05 17.43
C ALA B 133 9.76 -2.57 17.77
N PRO B 134 8.66 -1.97 17.25
CA PRO B 134 7.31 -2.42 17.54
C PRO B 134 7.08 -3.89 17.15
N TRP B 135 7.76 -4.39 16.10
CA TRP B 135 7.69 -5.81 15.68
C TRP B 135 8.19 -6.75 16.79
N LYS B 136 8.80 -6.27 17.88
CA LYS B 136 9.27 -7.11 19.01
C LYS B 136 8.25 -7.12 20.17
N ALA B 137 7.11 -6.45 20.01
CA ALA B 137 5.97 -6.61 20.93
C ALA B 137 5.66 -8.10 21.06
N PRO B 138 5.40 -8.57 22.28
CA PRO B 138 5.06 -9.97 22.53
C PRO B 138 3.91 -10.47 21.66
N LEU B 139 2.88 -9.66 21.46
CA LEU B 139 1.72 -10.02 20.59
C LEU B 139 1.82 -9.29 19.24
N ALA B 140 3.01 -9.10 18.71
CA ALA B 140 3.23 -8.28 17.50
C ALA B 140 2.41 -8.81 16.31
N GLU B 141 2.45 -10.11 16.03
CA GLU B 141 1.74 -10.69 14.86
C GLU B 141 0.23 -10.58 15.08
N GLU B 142 -0.24 -10.97 16.27
CA GLU B 142 -1.68 -10.92 16.58
C GLU B 142 -2.17 -9.49 16.33
N TRP B 143 -1.49 -8.50 16.87
CA TRP B 143 -1.96 -7.09 16.79
C TRP B 143 -1.76 -6.54 15.37
N ASP B 144 -0.72 -6.98 14.67
CA ASP B 144 -0.44 -6.47 13.30
C ASP B 144 -1.44 -7.04 12.27
N ASN B 145 -2.05 -8.19 12.55
CA ASN B 145 -2.93 -8.94 11.60
C ASN B 145 -4.39 -8.57 11.78
N MET B 146 -4.63 -7.52 12.55
CA MET B 146 -5.95 -6.92 12.87
C MET B 146 -5.90 -5.45 12.44
N THR B 147 -7.01 -4.89 12.00
CA THR B 147 -7.15 -3.44 11.82
C THR B 147 -7.59 -2.80 13.14
N MET B 148 -7.44 -1.49 13.23
CA MET B 148 -7.98 -0.70 14.37
C MET B 148 -9.50 -0.80 14.37
N LYS B 149 -10.14 -1.03 13.22
CA LYS B 149 -11.60 -1.28 13.21
C LYS B 149 -11.94 -2.55 13.99
N GLU B 150 -11.26 -3.65 13.71
CA GLU B 150 -11.43 -4.92 14.47
C GLU B 150 -11.16 -4.72 15.96
N LEU B 151 -10.06 -4.02 16.30
CA LEU B 151 -9.74 -3.84 17.73
C LEU B 151 -10.91 -3.07 18.39
N LEU B 152 -11.34 -1.95 17.82
CA LEU B 152 -12.44 -1.12 18.38
C LEU B 152 -13.75 -1.93 18.46
N ASP B 153 -14.04 -2.74 17.45
CA ASP B 153 -15.24 -3.63 17.48
C ASP B 153 -15.17 -4.54 18.72
N LYS B 154 -14.01 -5.08 19.07
CA LYS B 154 -13.81 -5.97 20.24
C LYS B 154 -13.85 -5.16 21.55
N LEU B 155 -13.23 -3.99 21.62
CA LEU B 155 -13.02 -3.25 22.90
C LEU B 155 -14.25 -2.44 23.32
N CYS B 156 -14.91 -1.82 22.35
CA CYS B 156 -15.99 -0.84 22.60
C CYS B 156 -17.35 -1.52 22.66
N TRP B 157 -17.88 -1.65 23.88
CA TRP B 157 -19.26 -2.16 24.13
C TRP B 157 -20.30 -1.09 23.82
N THR B 158 -19.95 0.19 23.67
CA THR B 158 -20.93 1.26 23.33
C THR B 158 -20.58 1.91 21.99
N GLU B 159 -21.60 2.39 21.28
CA GLU B 159 -21.48 3.12 19.99
C GLU B 159 -20.83 4.46 20.28
N SER B 160 -21.18 5.05 21.41
CA SER B 160 -20.56 6.28 21.96
C SER B 160 -19.03 6.14 21.96
N ALA B 161 -18.49 5.15 22.65
CA ALA B 161 -17.03 4.97 22.73
C ALA B 161 -16.45 4.67 21.34
N LYS B 162 -17.12 3.85 20.53
CA LYS B 162 -16.60 3.41 19.22
C LYS B 162 -16.49 4.63 18.31
N GLN B 163 -17.46 5.53 18.31
CA GLN B 163 -17.44 6.72 17.42
C GLN B 163 -16.36 7.70 17.89
N LEU B 164 -16.18 7.92 19.19
CA LEU B 164 -15.09 8.82 19.65
C LEU B 164 -13.73 8.17 19.36
N ALA B 165 -13.59 6.88 19.58
CA ALA B 165 -12.32 6.17 19.31
C ALA B 165 -12.03 6.27 17.82
N THR B 166 -13.06 6.11 16.97
CA THR B 166 -12.92 6.21 15.51
C THR B 166 -12.42 7.62 15.14
N LEU B 167 -13.01 8.66 15.73
CA LEU B 167 -12.64 10.07 15.46
C LEU B 167 -11.17 10.21 15.86
N PHE B 168 -10.77 9.63 16.98
CA PHE B 168 -9.39 9.66 17.52
C PHE B 168 -8.40 9.10 16.49
N VAL B 169 -8.70 7.92 15.96
CA VAL B 169 -7.84 7.29 14.92
C VAL B 169 -7.77 8.21 13.70
N ASN B 170 -8.93 8.64 13.22
CA ASN B 170 -9.00 9.43 11.97
C ASN B 170 -8.14 10.70 12.13
N LEU B 171 -8.25 11.38 13.28
CA LEU B 171 -7.58 12.67 13.56
C LEU B 171 -6.08 12.47 13.70
N CYS B 172 -5.68 11.39 14.34
CA CYS B 172 -4.27 11.11 14.67
CA CYS B 172 -4.26 11.12 14.67
C CYS B 172 -3.47 10.74 13.41
N VAL B 173 -4.05 9.93 12.53
CA VAL B 173 -3.25 9.28 11.41
C VAL B 173 -3.93 9.49 10.05
N THR B 174 -4.93 10.37 9.97
CA THR B 174 -5.66 10.75 8.72
C THR B 174 -6.03 9.51 7.89
N ALA B 175 -6.45 8.45 8.55
CA ALA B 175 -6.87 7.21 7.88
C ALA B 175 -8.01 6.59 8.66
N GLU B 176 -8.73 5.70 7.94
CA GLU B 176 -9.89 4.99 8.46
C GLU B 176 -9.38 3.90 9.42
N THR B 177 -10.17 3.52 10.43
CA THR B 177 -9.84 2.44 11.38
C THR B 177 -9.58 1.13 10.61
N HIS B 178 -10.26 0.90 9.49
CA HIS B 178 -10.16 -0.37 8.72
C HIS B 178 -8.94 -0.38 7.80
N GLU B 179 -8.31 0.77 7.60
CA GLU B 179 -7.13 0.89 6.71
C GLU B 179 -5.84 0.50 7.44
N VAL B 180 -5.77 0.62 8.78
CA VAL B 180 -4.48 0.64 9.53
C VAL B 180 -4.37 -0.59 10.47
N SER B 181 -3.17 -1.13 10.57
CA SER B 181 -2.74 -2.12 11.58
C SER B 181 -3.01 -1.60 13.01
N ALA B 182 -3.60 -2.43 13.85
CA ALA B 182 -3.72 -2.17 15.30
C ALA B 182 -2.34 -2.00 15.92
N LEU B 183 -1.39 -2.89 15.61
CA LEU B 183 -0.01 -2.80 16.17
C LEU B 183 0.61 -1.46 15.81
N TRP B 184 0.54 -1.07 14.53
CA TRP B 184 1.15 0.19 14.07
C TRP B 184 0.50 1.37 14.81
N PHE B 185 -0.83 1.40 14.89
CA PHE B 185 -1.52 2.55 15.52
C PHE B 185 -1.15 2.63 17.00
N LEU B 186 -1.15 1.48 17.67
CA LEU B 186 -0.81 1.41 19.13
C LEU B 186 0.62 1.89 19.36
N TRP B 187 1.52 1.50 18.46
CA TRP B 187 2.93 1.96 18.51
C TRP B 187 2.94 3.47 18.35
N TYR B 188 2.20 3.94 17.33
CA TYR B 188 2.16 5.37 16.96
C TYR B 188 1.80 6.20 18.19
N VAL B 189 0.80 5.77 18.95
CA VAL B 189 0.30 6.54 20.12
C VAL B 189 1.37 6.48 21.20
N LYS B 190 1.88 5.27 21.43
CA LYS B 190 2.83 4.99 22.50
C LYS B 190 4.11 5.83 22.29
N GLN B 191 4.61 5.92 21.07
CA GLN B 191 5.87 6.65 20.79
C GLN B 191 5.69 8.18 20.78
N CYS B 192 4.48 8.74 20.92
CA CYS B 192 4.26 10.18 21.23
C CYS B 192 4.03 10.38 22.74
N GLY B 193 4.22 9.33 23.54
CA GLY B 193 4.05 9.39 25.01
C GLY B 193 2.65 9.01 25.46
N GLY B 194 1.83 8.40 24.60
CA GLY B 194 0.53 7.87 25.02
C GLY B 194 -0.64 8.78 24.71
N THR B 195 -1.85 8.34 25.05
CA THR B 195 -3.13 8.97 24.64
C THR B 195 -3.20 10.41 25.18
N THR B 196 -2.95 10.63 26.46
CA THR B 196 -3.11 11.99 27.05
C THR B 196 -2.20 12.95 26.28
N ARG B 197 -0.94 12.57 26.10
CA ARG B 197 0.08 13.45 25.53
C ARG B 197 -0.27 13.73 24.06
N ILE B 198 -0.74 12.73 23.31
CA ILE B 198 -0.99 12.95 21.85
C ILE B 198 -2.26 13.79 21.63
N ILE B 199 -3.28 13.71 22.47
CA ILE B 199 -4.59 14.42 22.21
C ILE B 199 -4.61 15.81 22.85
N SER B 200 -3.69 16.08 23.78
CA SER B 200 -3.76 17.30 24.61
C SER B 200 -3.24 18.51 23.83
N THR B 201 -3.92 19.65 23.99
CA THR B 201 -3.40 21.00 23.65
C THR B 201 -2.49 21.40 24.83
N THR B 202 -3.09 21.84 25.94
CA THR B 202 -2.27 22.17 27.15
C THR B 202 -1.50 20.91 27.56
N ASN B 203 -0.17 20.99 27.60
CA ASN B 203 0.72 19.90 28.06
C ASN B 203 0.74 18.70 27.09
N GLY B 204 0.49 18.92 25.81
CA GLY B 204 0.55 17.86 24.79
C GLY B 204 1.01 18.39 23.43
N GLY B 205 0.87 17.56 22.40
CA GLY B 205 1.37 17.84 21.05
C GLY B 205 0.83 19.12 20.43
N GLN B 206 -0.37 19.57 20.81
CA GLN B 206 -0.99 20.77 20.16
C GLN B 206 -0.81 22.02 21.04
N GLU B 207 0.12 22.04 21.99
CA GLU B 207 0.24 23.21 22.90
C GLU B 207 0.64 24.50 22.17
N ARG B 208 1.53 24.42 21.17
CA ARG B 208 2.20 25.61 20.67
C ARG B 208 2.34 25.61 19.15
N LYS B 209 2.49 26.82 18.59
CA LYS B 209 2.84 27.08 17.17
C LYS B 209 4.05 28.01 17.16
N PHE B 210 4.76 28.03 16.04
CA PHE B 210 5.91 28.96 15.85
C PHE B 210 5.37 30.34 15.41
N VAL B 211 5.85 31.40 16.05
CA VAL B 211 5.62 32.79 15.58
C VAL B 211 6.21 32.89 14.17
N GLY B 212 5.39 33.24 13.19
CA GLY B 212 5.82 33.39 11.79
C GLY B 212 5.69 32.11 10.97
N GLY B 213 5.35 30.97 11.59
CA GLY B 213 5.13 29.69 10.89
C GLY B 213 6.28 28.72 10.99
N SER B 214 5.97 27.43 10.87
CA SER B 214 6.93 26.32 10.99
C SER B 214 7.83 26.27 9.76
N GLY B 215 7.39 26.82 8.63
CA GLY B 215 8.17 26.80 7.37
C GLY B 215 9.53 27.48 7.54
N GLN B 216 9.65 28.31 8.58
CA GLN B 216 10.87 29.09 8.87
C GLN B 216 11.97 28.12 9.31
N VAL B 217 11.63 26.95 9.87
CA VAL B 217 12.69 25.99 10.26
C VAL B 217 13.48 25.60 9.01
N SER B 218 12.79 25.17 7.96
CA SER B 218 13.42 24.70 6.71
C SER B 218 14.04 25.87 5.95
N GLU B 219 13.33 27.00 5.85
CA GLU B 219 13.78 28.25 5.17
C GLU B 219 15.09 28.76 5.78
N ARG B 220 15.17 28.81 7.11
CA ARG B 220 16.34 29.41 7.77
C ARG B 220 17.55 28.47 7.69
N ILE B 221 17.34 27.15 7.64
CA ILE B 221 18.46 26.21 7.36
C ILE B 221 18.92 26.38 5.91
N MET B 222 18.00 26.56 4.98
CA MET B 222 18.35 26.88 3.59
C MET B 222 19.13 28.19 3.54
N ASP B 223 18.78 29.17 4.38
CA ASP B 223 19.49 30.48 4.47
C ASP B 223 20.96 30.17 4.80
N LEU B 224 21.18 29.40 5.87
CA LEU B 224 22.53 28.98 6.33
C LEU B 224 23.30 28.31 5.19
N LEU B 225 22.65 27.40 4.48
CA LEU B 225 23.39 26.51 3.55
C LEU B 225 23.64 27.19 2.20
N GLY B 226 22.91 28.27 1.88
CA GLY B 226 23.03 29.03 0.61
C GLY B 226 22.80 28.12 -0.58
N ASP B 227 23.68 28.21 -1.57
CA ASP B 227 23.55 27.48 -2.87
C ASP B 227 23.86 25.99 -2.71
N ARG B 228 24.17 25.50 -1.51
CA ARG B 228 24.24 24.03 -1.29
C ARG B 228 22.85 23.37 -1.47
N VAL B 229 21.79 24.16 -1.34
CA VAL B 229 20.40 23.69 -1.53
C VAL B 229 20.05 23.90 -2.99
N LYS B 230 19.64 22.85 -3.68
CA LYS B 230 19.28 22.93 -5.12
C LYS B 230 17.78 22.68 -5.24
N LEU B 231 17.02 23.71 -5.59
CA LEU B 231 15.55 23.63 -5.72
C LEU B 231 15.22 23.15 -7.12
N GLU B 232 14.10 22.43 -7.29
CA GLU B 232 13.67 21.87 -8.60
C GLU B 232 14.72 20.89 -9.11
N ARG B 233 15.26 20.09 -8.21
CA ARG B 233 16.13 18.94 -8.51
C ARG B 233 15.48 17.68 -7.97
N PRO B 234 14.40 17.15 -8.60
CA PRO B 234 13.87 15.86 -8.20
C PRO B 234 14.96 14.83 -8.54
N VAL B 235 15.30 13.98 -7.58
CA VAL B 235 16.23 12.85 -7.81
C VAL B 235 15.47 11.74 -8.56
N ILE B 236 16.07 11.18 -9.61
CA ILE B 236 15.49 10.11 -10.47
C ILE B 236 16.34 8.82 -10.45
N TYR B 237 17.60 8.88 -10.06
CA TYR B 237 18.56 7.77 -10.25
C TYR B 237 19.67 7.85 -9.22
N ILE B 238 19.91 6.73 -8.53
CA ILE B 238 21.05 6.59 -7.60
C ILE B 238 21.85 5.35 -8.00
N ASP B 239 23.14 5.56 -8.29
CA ASP B 239 24.04 4.48 -8.76
C ASP B 239 25.10 4.26 -7.69
N GLN B 240 25.15 3.06 -7.14
CA GLN B 240 26.11 2.70 -6.07
C GLN B 240 27.10 1.64 -6.55
N THR B 241 27.27 1.47 -7.86
CA THR B 241 28.16 0.43 -8.42
C THR B 241 29.61 0.88 -8.40
N ARG B 242 29.91 2.19 -8.22
CA ARG B 242 31.30 2.73 -8.32
C ARG B 242 31.79 3.27 -6.98
N GLU B 243 33.01 3.82 -6.98
CA GLU B 243 33.78 4.25 -5.78
C GLU B 243 32.99 5.33 -5.02
N ASN B 244 32.48 6.33 -5.73
CA ASN B 244 31.59 7.37 -5.17
C ASN B 244 30.16 7.06 -5.60
N VAL B 245 29.19 7.48 -4.79
CA VAL B 245 27.74 7.34 -5.13
C VAL B 245 27.41 8.43 -6.15
N LEU B 246 26.71 8.06 -7.22
CA LEU B 246 26.24 9.02 -8.25
C LEU B 246 24.73 9.27 -8.05
N VAL B 247 24.33 10.53 -7.91
CA VAL B 247 22.89 10.89 -7.80
C VAL B 247 22.51 11.75 -9.00
N GLU B 248 21.52 11.33 -9.77
CA GLU B 248 21.09 12.13 -10.95
C GLU B 248 19.72 12.76 -10.66
N THR B 249 19.55 13.98 -11.14
CA THR B 249 18.25 14.70 -11.09
C THR B 249 17.56 14.71 -12.45
N LEU B 250 16.26 15.02 -12.43
CA LEU B 250 15.37 15.09 -13.59
C LEU B 250 15.88 16.13 -14.60
N ASN B 251 16.45 17.25 -14.15
CA ASN B 251 17.09 18.27 -15.04
C ASN B 251 18.52 17.85 -15.45
N HIS B 252 18.88 16.57 -15.36
CA HIS B 252 20.09 15.94 -15.99
C HIS B 252 21.37 16.20 -15.17
N GLU B 253 21.31 16.96 -14.09
CA GLU B 253 22.53 17.24 -13.29
C GLU B 253 22.99 15.95 -12.60
N MET B 254 24.29 15.81 -12.42
CA MET B 254 24.90 14.63 -11.77
C MET B 254 25.61 15.12 -10.51
N TYR B 255 25.37 14.45 -9.39
CA TYR B 255 26.05 14.74 -8.10
C TYR B 255 26.79 13.46 -7.70
N GLU B 256 27.95 13.65 -7.11
CA GLU B 256 28.85 12.56 -6.71
C GLU B 256 29.17 12.77 -5.25
N ALA B 257 28.95 11.76 -4.43
CA ALA B 257 29.17 11.85 -2.98
C ALA B 257 29.75 10.53 -2.43
N LYS B 258 30.27 10.58 -1.21
CA LYS B 258 30.70 9.37 -0.46
C LYS B 258 29.46 8.68 0.13
N TYR B 259 28.46 9.46 0.55
CA TYR B 259 27.23 8.92 1.17
C TYR B 259 25.99 9.73 0.74
N VAL B 260 24.82 9.09 0.89
CA VAL B 260 23.47 9.67 0.61
C VAL B 260 22.58 9.54 1.84
N ILE B 261 21.83 10.59 2.15
CA ILE B 261 20.70 10.55 3.10
C ILE B 261 19.43 10.71 2.28
N SER B 262 18.57 9.69 2.35
CA SER B 262 17.18 9.67 1.84
C SER B 262 16.26 10.26 2.91
N ALA B 263 15.83 11.50 2.72
CA ALA B 263 15.03 12.24 3.71
C ALA B 263 13.63 12.46 3.14
N ILE B 264 13.11 11.47 2.42
CA ILE B 264 11.79 11.51 1.73
C ILE B 264 10.91 10.46 2.38
N PRO B 265 9.58 10.62 2.31
CA PRO B 265 8.65 9.58 2.78
C PRO B 265 9.02 8.27 2.11
N PRO B 266 8.97 7.17 2.87
CA PRO B 266 9.45 5.89 2.37
C PRO B 266 8.94 5.56 0.96
N THR B 267 7.64 5.70 0.71
CA THR B 267 7.04 5.25 -0.58
C THR B 267 7.57 6.13 -1.73
N LEU B 268 7.98 7.37 -1.46
CA LEU B 268 8.53 8.27 -2.53
C LEU B 268 9.92 7.81 -2.98
N GLY B 269 10.53 6.86 -2.26
CA GLY B 269 11.64 6.05 -2.78
C GLY B 269 11.32 5.41 -4.12
N MET B 270 10.04 5.15 -4.40
CA MET B 270 9.61 4.52 -5.67
CA MET B 270 9.65 4.50 -5.68
C MET B 270 9.95 5.44 -6.85
N LYS B 271 10.07 6.76 -6.62
CA LYS B 271 10.28 7.71 -7.75
C LYS B 271 11.74 7.67 -8.24
N ILE B 272 12.59 6.90 -7.57
CA ILE B 272 14.03 6.84 -7.83
C ILE B 272 14.32 5.45 -8.42
N HIS B 273 15.07 5.41 -9.52
CA HIS B 273 15.58 4.19 -10.17
C HIS B 273 16.93 3.88 -9.54
N PHE B 274 17.11 2.65 -9.05
CA PHE B 274 18.31 2.24 -8.29
C PHE B 274 19.16 1.28 -9.10
N ASN B 275 20.46 1.52 -9.01
CA ASN B 275 21.50 0.64 -9.57
C ASN B 275 22.57 0.46 -8.50
N PRO B 276 22.80 -0.76 -7.93
CA PRO B 276 22.05 -1.96 -8.27
C PRO B 276 20.61 -1.87 -7.76
N PRO B 277 19.70 -2.80 -8.13
CA PRO B 277 18.34 -2.74 -7.60
C PRO B 277 18.42 -2.79 -6.07
N LEU B 278 17.39 -2.27 -5.40
CA LEU B 278 17.29 -2.36 -3.92
C LEU B 278 17.17 -3.83 -3.53
N PRO B 279 17.57 -4.17 -2.30
CA PRO B 279 17.34 -5.51 -1.78
C PRO B 279 15.81 -5.73 -1.75
N MET B 280 15.42 -6.98 -1.91
CA MET B 280 14.01 -7.42 -2.02
C MET B 280 13.13 -6.75 -0.95
N MET B 281 13.52 -6.77 0.31
CA MET B 281 12.59 -6.37 1.37
C MET B 281 12.27 -4.87 1.21
N ARG B 282 13.28 -4.03 0.92
CA ARG B 282 13.04 -2.57 0.70
C ARG B 282 12.26 -2.37 -0.61
N ASN B 283 12.58 -3.12 -1.65
CA ASN B 283 11.90 -3.05 -2.96
C ASN B 283 10.40 -3.18 -2.75
N GLN B 284 9.97 -4.17 -1.97
CA GLN B 284 8.51 -4.40 -1.73
C GLN B 284 8.01 -3.42 -0.65
N MET B 285 8.82 -3.09 0.35
CA MET B 285 8.34 -2.21 1.48
C MET B 285 7.81 -0.88 0.96
N ILE B 286 8.52 -0.26 0.00
CA ILE B 286 8.22 1.12 -0.48
C ILE B 286 6.94 1.15 -1.33
N THR B 287 6.35 -0.03 -1.64
CA THR B 287 5.02 -0.16 -2.31
C THR B 287 3.91 -0.39 -1.28
N ARG B 288 4.23 -0.52 0.00
CA ARG B 288 3.23 -1.01 0.99
C ARG B 288 2.89 0.04 2.05
N VAL B 289 3.35 1.28 1.90
CA VAL B 289 3.41 2.30 2.98
C VAL B 289 2.84 3.62 2.47
N PRO B 290 1.51 3.71 2.32
CA PRO B 290 0.86 4.94 1.92
C PRO B 290 0.88 6.02 2.99
N LEU B 291 0.63 7.26 2.56
CA LEU B 291 0.39 8.38 3.50
C LEU B 291 -1.12 8.66 3.57
N GLY B 292 -1.56 9.27 4.66
CA GLY B 292 -2.96 9.60 4.89
C GLY B 292 -3.47 10.72 4.00
N SER B 293 -4.74 11.05 4.17
CA SER B 293 -5.49 11.99 3.34
C SER B 293 -6.05 13.09 4.22
N VAL B 294 -5.78 14.35 3.87
CA VAL B 294 -6.26 15.48 4.69
C VAL B 294 -6.28 16.76 3.83
N ILE B 295 -7.29 17.58 4.09
CA ILE B 295 -7.34 18.99 3.67
C ILE B 295 -7.30 19.81 4.94
N LYS B 296 -6.31 20.69 5.05
CA LYS B 296 -6.24 21.64 6.17
C LYS B 296 -6.87 22.95 5.71
N CYS B 297 -7.84 23.43 6.50
CA CYS B 297 -8.76 24.52 6.13
C CYS B 297 -8.73 25.55 7.26
N ILE B 298 -8.50 26.82 6.92
CA ILE B 298 -8.46 27.93 7.89
C ILE B 298 -9.46 28.99 7.42
N VAL B 299 -10.50 29.18 8.23
CA VAL B 299 -11.52 30.24 8.02
C VAL B 299 -11.19 31.40 8.97
N TYR B 300 -11.12 32.61 8.40
CA TYR B 300 -10.78 33.88 9.07
C TYR B 300 -12.06 34.66 9.34
N TYR B 301 -12.05 35.34 10.49
CA TYR B 301 -13.17 36.17 10.97
C TYR B 301 -12.60 37.48 11.47
N LYS B 302 -13.48 38.47 11.56
CA LYS B 302 -13.10 39.83 12.04
C LYS B 302 -12.62 39.73 13.48
N GLU B 303 -13.25 38.90 14.30
CA GLU B 303 -12.89 38.75 15.73
C GLU B 303 -12.95 37.28 16.11
N PRO B 304 -12.24 36.87 17.19
CA PRO B 304 -12.38 35.51 17.74
C PRO B 304 -13.68 35.40 18.56
N PHE B 305 -14.83 35.50 17.89
CA PHE B 305 -16.15 35.77 18.52
C PHE B 305 -16.53 34.63 19.48
N TRP B 306 -16.02 33.43 19.26
CA TRP B 306 -16.32 32.23 20.10
C TRP B 306 -15.88 32.46 21.56
N ARG B 307 -14.82 33.23 21.77
CA ARG B 307 -14.28 33.59 23.11
C ARG B 307 -15.35 34.33 23.94
N LYS B 308 -16.21 35.12 23.32
CA LYS B 308 -17.28 35.86 24.03
C LYS B 308 -18.29 34.87 24.62
N LYS B 309 -18.43 33.67 24.04
CA LYS B 309 -19.33 32.63 24.62
C LYS B 309 -18.55 31.66 25.50
N ASP B 310 -17.34 32.02 25.92
CA ASP B 310 -16.50 31.16 26.76
C ASP B 310 -16.26 29.83 26.02
N TYR B 311 -16.06 29.92 24.70
CA TYR B 311 -15.52 28.78 23.92
C TYR B 311 -14.09 29.10 23.47
N CYS B 312 -13.15 28.13 23.56
CA CYS B 312 -11.74 28.37 23.14
C CYS B 312 -11.61 28.25 21.62
N GLY B 313 -12.50 27.52 20.95
CA GLY B 313 -12.47 27.34 19.48
C GLY B 313 -12.11 25.91 19.12
N THR B 314 -11.77 25.12 20.13
CA THR B 314 -11.62 23.66 19.99
C THR B 314 -13.02 23.05 19.80
N MET B 315 -13.21 22.29 18.74
CA MET B 315 -14.48 21.56 18.51
C MET B 315 -14.15 20.10 18.19
N ILE B 316 -14.79 19.17 18.89
CA ILE B 316 -14.73 17.72 18.56
C ILE B 316 -16.13 17.35 18.06
N ILE B 317 -16.20 16.99 16.78
CA ILE B 317 -17.52 16.91 16.08
C ILE B 317 -17.72 15.50 15.54
N ASP B 318 -18.61 14.75 16.21
CA ASP B 318 -18.91 13.34 15.85
C ASP B 318 -19.72 13.27 14.54
N GLY B 319 -19.71 12.11 13.88
CA GLY B 319 -20.74 11.74 12.89
C GLY B 319 -20.25 11.93 11.48
N GLU B 320 -20.85 11.18 10.54
CA GLU B 320 -20.45 11.14 9.12
C GLU B 320 -20.69 12.49 8.44
N GLU B 321 -21.72 13.23 8.86
CA GLU B 321 -22.29 14.38 8.09
C GLU B 321 -21.35 15.59 8.18
N ALA B 322 -20.71 15.81 9.32
CA ALA B 322 -19.79 16.95 9.55
C ALA B 322 -18.57 16.85 8.62
N PRO B 323 -18.25 17.85 7.78
CA PRO B 323 -17.03 17.75 6.97
C PRO B 323 -15.71 17.76 7.76
N VAL B 324 -15.72 18.42 8.91
CA VAL B 324 -14.54 18.62 9.80
C VAL B 324 -14.88 17.99 11.15
N ALA B 325 -14.04 17.12 11.69
CA ALA B 325 -14.31 16.42 12.96
C ALA B 325 -13.59 17.10 14.12
N TYR B 326 -12.63 18.00 13.84
CA TYR B 326 -11.74 18.64 14.85
C TYR B 326 -11.26 20.00 14.36
N THR B 327 -11.31 20.99 15.27
CA THR B 327 -10.88 22.38 15.07
C THR B 327 -10.05 22.87 16.26
N LEU B 328 -9.18 23.82 15.98
CA LEU B 328 -8.47 24.65 16.98
C LEU B 328 -8.60 26.13 16.57
N ASP B 329 -8.59 27.00 17.56
CA ASP B 329 -8.38 28.45 17.36
C ASP B 329 -7.01 28.66 16.68
N ASP B 330 -7.01 29.29 15.50
CA ASP B 330 -5.77 29.65 14.79
C ASP B 330 -5.49 31.16 14.92
N THR B 331 -6.15 31.86 15.85
CA THR B 331 -5.95 33.32 16.08
C THR B 331 -4.46 33.56 16.44
N LYS B 332 -3.85 34.64 15.97
CA LYS B 332 -2.46 35.02 16.29
C LYS B 332 -2.42 35.48 17.74
N PRO B 333 -1.23 35.45 18.37
CA PRO B 333 -1.12 35.73 19.81
C PRO B 333 -1.72 37.09 20.19
N GLU B 334 -1.74 38.06 19.27
CA GLU B 334 -2.18 39.44 19.57
C GLU B 334 -3.71 39.48 19.61
N GLY B 335 -4.37 38.37 19.27
CA GLY B 335 -5.84 38.31 19.21
C GLY B 335 -6.31 38.76 17.85
N ASN B 336 -5.41 38.95 16.90
CA ASN B 336 -5.88 39.40 15.56
C ASN B 336 -5.66 38.25 14.57
N TYR B 337 -6.07 38.49 13.33
CA TYR B 337 -6.26 37.47 12.28
C TYR B 337 -7.05 36.32 12.90
N ALA B 338 -8.19 36.60 13.57
CA ALA B 338 -9.08 35.58 14.16
C ALA B 338 -9.38 34.47 13.13
N ALA B 339 -9.25 33.22 13.53
CA ALA B 339 -9.35 32.07 12.60
C ALA B 339 -9.66 30.78 13.34
N ILE B 340 -10.39 29.91 12.64
CA ILE B 340 -10.61 28.50 13.05
C ILE B 340 -9.89 27.61 12.05
N MET B 341 -9.02 26.75 12.56
CA MET B 341 -8.36 25.68 11.79
C MET B 341 -9.21 24.42 11.91
N GLY B 342 -9.53 23.81 10.78
CA GLY B 342 -10.23 22.50 10.77
C GLY B 342 -9.56 21.51 9.83
N PHE B 343 -9.64 20.21 10.14
CA PHE B 343 -9.13 19.14 9.25
C PHE B 343 -10.30 18.42 8.58
N ILE B 344 -10.28 18.28 7.26
CA ILE B 344 -11.16 17.33 6.56
C ILE B 344 -10.35 16.05 6.38
N LEU B 345 -10.78 14.96 7.00
CA LEU B 345 -9.96 13.76 7.32
C LEU B 345 -10.36 12.57 6.47
N ALA B 346 -9.34 11.83 6.02
CA ALA B 346 -9.47 10.46 5.48
C ALA B 346 -10.52 10.43 4.36
N HIS B 347 -11.58 9.59 4.45
CA HIS B 347 -12.52 9.41 3.31
C HIS B 347 -13.20 10.75 3.00
N LYS B 348 -13.40 11.63 3.99
CA LYS B 348 -14.06 12.93 3.69
C LYS B 348 -13.14 13.81 2.84
N ALA B 349 -11.81 13.66 2.97
CA ALA B 349 -10.88 14.46 2.14
C ALA B 349 -11.08 14.03 0.68
N ARG B 350 -11.27 12.72 0.44
CA ARG B 350 -11.48 12.18 -0.93
C ARG B 350 -12.84 12.66 -1.44
N LYS B 351 -13.89 12.53 -0.62
CA LYS B 351 -15.28 12.88 -0.99
C LYS B 351 -15.39 14.38 -1.31
N LEU B 352 -14.87 15.27 -0.45
CA LEU B 352 -15.17 16.73 -0.54
C LEU B 352 -14.20 17.45 -1.48
N ALA B 353 -13.16 16.77 -1.96
CA ALA B 353 -12.14 17.36 -2.84
C ALA B 353 -12.78 17.68 -4.20
N ARG B 354 -13.88 17.04 -4.57
CA ARG B 354 -14.56 17.30 -5.86
C ARG B 354 -15.30 18.66 -5.84
N LEU B 355 -15.54 19.24 -4.65
CA LEU B 355 -16.25 20.53 -4.51
C LEU B 355 -15.31 21.67 -4.92
N THR B 356 -15.85 22.87 -5.08
CA THR B 356 -15.04 24.10 -5.22
C THR B 356 -14.57 24.53 -3.83
N LYS B 357 -13.54 25.35 -3.80
CA LYS B 357 -13.05 26.06 -2.61
C LYS B 357 -14.23 26.78 -1.94
N GLU B 358 -15.05 27.48 -2.71
CA GLU B 358 -16.19 28.27 -2.18
C GLU B 358 -17.21 27.30 -1.55
N GLU B 359 -17.40 26.13 -2.15
CA GLU B 359 -18.39 25.14 -1.66
C GLU B 359 -17.89 24.55 -0.33
N ARG B 360 -16.60 24.31 -0.21
CA ARG B 360 -16.02 23.85 1.06
C ARG B 360 -16.16 24.95 2.11
N LEU B 361 -15.88 26.22 1.77
CA LEU B 361 -16.00 27.35 2.73
C LEU B 361 -17.41 27.39 3.32
N LYS B 362 -18.43 27.36 2.46
CA LYS B 362 -19.85 27.42 2.87
C LYS B 362 -20.15 26.27 3.85
N LYS B 363 -19.75 25.04 3.52
CA LYS B 363 -20.03 23.85 4.37
C LYS B 363 -19.37 24.03 5.75
N LEU B 364 -18.15 24.54 5.78
CA LEU B 364 -17.40 24.72 7.05
C LEU B 364 -18.05 25.80 7.89
N CYS B 365 -18.40 26.94 7.29
CA CYS B 365 -19.06 28.07 8.00
C CYS B 365 -20.40 27.62 8.59
N GLU B 366 -21.20 26.88 7.81
CA GLU B 366 -22.51 26.38 8.32
C GLU B 366 -22.30 25.36 9.45
N LEU B 367 -21.30 24.50 9.37
CA LEU B 367 -20.97 23.60 10.50
C LEU B 367 -20.56 24.41 11.75
N TYR B 368 -19.65 25.37 11.58
CA TYR B 368 -19.10 26.12 12.72
C TYR B 368 -20.22 26.96 13.38
N ALA B 369 -21.16 27.47 12.57
CA ALA B 369 -22.30 28.27 13.07
C ALA B 369 -23.12 27.37 13.98
N LYS B 370 -23.33 26.13 13.55
CA LYS B 370 -24.16 25.18 14.32
C LYS B 370 -23.43 24.85 15.62
N VAL B 371 -22.15 24.51 15.56
CA VAL B 371 -21.43 23.94 16.72
C VAL B 371 -21.14 25.07 17.73
N LEU B 372 -20.81 26.26 17.25
CA LEU B 372 -20.47 27.42 18.10
C LEU B 372 -21.75 28.16 18.47
N GLY B 373 -22.87 27.83 17.83
CA GLY B 373 -24.18 28.47 18.05
C GLY B 373 -24.08 29.95 17.77
N SER B 374 -23.50 30.32 16.63
CA SER B 374 -23.24 31.74 16.30
C SER B 374 -23.39 32.00 14.81
N LEU B 375 -24.26 32.95 14.47
CA LEU B 375 -24.40 33.47 13.11
C LEU B 375 -23.11 34.15 12.67
N GLU B 376 -22.26 34.63 13.59
CA GLU B 376 -20.97 35.26 13.19
C GLU B 376 -20.13 34.27 12.37
N ALA B 377 -20.28 32.97 12.53
CA ALA B 377 -19.49 31.96 11.78
C ALA B 377 -19.84 31.98 10.29
N LEU B 378 -20.98 32.57 9.94
CA LEU B 378 -21.48 32.65 8.55
C LEU B 378 -20.85 33.85 7.83
N GLU B 379 -20.00 34.66 8.49
CA GLU B 379 -19.44 35.92 7.90
C GLU B 379 -17.92 35.86 7.85
N PRO B 380 -17.35 34.87 7.13
CA PRO B 380 -15.90 34.74 7.02
C PRO B 380 -15.31 35.93 6.24
N VAL B 381 -14.08 36.36 6.58
CA VAL B 381 -13.42 37.51 5.88
C VAL B 381 -12.36 36.98 4.93
N HIS B 382 -11.96 35.70 5.05
CA HIS B 382 -10.89 35.10 4.22
C HIS B 382 -10.89 33.58 4.46
N TYR B 383 -10.36 32.84 3.50
CA TYR B 383 -10.30 31.36 3.57
C TYR B 383 -8.97 30.92 2.97
N GLU B 384 -8.24 30.03 3.64
CA GLU B 384 -7.08 29.31 3.05
C GLU B 384 -7.25 27.82 3.28
N GLU B 385 -6.84 27.00 2.32
CA GLU B 385 -6.90 25.53 2.45
C GLU B 385 -5.78 24.91 1.65
N LYS B 386 -5.44 23.67 1.99
CA LYS B 386 -4.50 22.86 1.22
C LYS B 386 -4.92 21.40 1.34
N ASN B 387 -5.14 20.81 0.19
CA ASN B 387 -5.37 19.38 0.00
C ASN B 387 -4.02 18.69 -0.18
N TRP B 388 -3.51 17.95 0.81
CA TRP B 388 -2.17 17.34 0.70
C TRP B 388 -2.20 16.06 -0.17
N CYS B 389 -3.38 15.54 -0.51
CA CYS B 389 -3.54 14.33 -1.32
C CYS B 389 -3.03 14.61 -2.73
N GLU B 390 -2.97 15.87 -3.14
CA GLU B 390 -2.66 16.15 -4.57
C GLU B 390 -1.14 16.30 -4.77
N GLU B 391 -0.35 16.19 -3.68
CA GLU B 391 1.10 16.49 -3.70
C GLU B 391 1.92 15.30 -4.22
N GLN B 392 2.42 15.40 -5.45
CA GLN B 392 3.38 14.42 -6.04
C GLN B 392 4.58 14.16 -5.13
N TYR B 393 5.14 15.16 -4.45
CA TYR B 393 6.38 14.97 -3.66
C TYR B 393 6.08 14.93 -2.14
N SER B 394 4.83 14.74 -1.72
CA SER B 394 4.50 14.32 -0.33
C SER B 394 3.80 12.96 -0.34
N GLY B 395 2.78 12.77 -1.19
CA GLY B 395 1.96 11.54 -1.20
C GLY B 395 0.74 11.63 -0.30
N GLY B 396 0.71 12.62 0.57
CA GLY B 396 -0.37 12.83 1.56
C GLY B 396 0.16 13.51 2.83
N CYS B 397 -0.62 13.45 3.90
CA CYS B 397 -0.29 13.98 5.24
C CYS B 397 -1.21 13.29 6.24
N TYR B 398 -0.82 13.31 7.52
CA TYR B 398 0.42 13.91 7.99
C TYR B 398 1.62 13.04 7.65
N THR B 399 1.40 11.72 7.63
CA THR B 399 2.49 10.75 7.66
C THR B 399 2.08 9.42 7.02
N THR B 400 3.04 8.50 6.99
CA THR B 400 2.89 7.13 6.48
C THR B 400 2.14 6.27 7.50
N TYR B 401 1.12 5.55 7.04
CA TYR B 401 0.43 4.54 7.87
C TYR B 401 0.79 3.17 7.35
N PHE B 402 0.70 2.18 8.23
CA PHE B 402 0.95 0.75 7.92
C PHE B 402 -0.38 0.01 7.91
N PRO B 403 -0.79 -0.54 6.74
CA PRO B 403 -1.91 -1.47 6.68
C PRO B 403 -1.60 -2.76 7.43
N PRO B 404 -2.64 -3.57 7.72
CA PRO B 404 -2.47 -4.81 8.45
C PRO B 404 -1.41 -5.70 7.79
N GLY B 405 -0.50 -6.21 8.62
CA GLY B 405 0.53 -7.20 8.26
C GLY B 405 1.88 -6.62 7.82
N ILE B 406 1.98 -5.31 7.58
CA ILE B 406 3.18 -4.72 6.93
C ILE B 406 4.27 -4.43 7.97
N LEU B 407 3.93 -3.92 9.15
CA LEU B 407 4.95 -3.50 10.14
C LEU B 407 5.77 -4.70 10.60
N THR B 408 5.15 -5.84 10.89
CA THR B 408 5.89 -7.04 11.39
C THR B 408 6.75 -7.62 10.26
N GLN B 409 6.32 -7.54 9.00
CA GLN B 409 7.03 -8.16 7.82
C GLN B 409 8.13 -7.25 7.26
N TYR B 410 7.95 -5.92 7.29
CA TYR B 410 8.80 -4.94 6.58
C TYR B 410 9.31 -3.83 7.52
N GLY B 411 8.82 -3.72 8.76
CA GLY B 411 9.18 -2.57 9.62
C GLY B 411 10.69 -2.43 9.87
N ARG B 412 11.39 -3.56 10.03
CA ARG B 412 12.86 -3.63 10.25
C ARG B 412 13.61 -2.92 9.12
N VAL B 413 13.09 -2.93 7.88
CA VAL B 413 13.86 -2.42 6.73
C VAL B 413 13.84 -0.87 6.74
N LEU B 414 12.97 -0.18 7.50
CA LEU B 414 12.78 1.29 7.27
C LEU B 414 14.09 2.06 7.43
N ARG B 415 14.81 1.79 8.51
CA ARG B 415 16.05 2.51 8.88
C ARG B 415 17.30 1.78 8.42
N GLN B 416 17.18 0.59 7.86
CA GLN B 416 18.36 -0.24 7.52
C GLN B 416 19.07 0.43 6.34
N PRO B 417 20.36 0.78 6.48
CA PRO B 417 21.15 1.36 5.38
C PRO B 417 21.20 0.40 4.18
N VAL B 418 21.23 0.95 2.97
CA VAL B 418 21.45 0.21 1.70
C VAL B 418 22.78 0.70 1.18
N ASP B 419 23.85 -0.03 1.53
CA ASP B 419 25.24 0.28 1.09
C ASP B 419 25.60 1.64 1.68
N ARG B 420 25.60 2.72 0.90
CA ARG B 420 26.03 4.08 1.35
C ARG B 420 24.83 5.05 1.41
N ILE B 421 23.61 4.52 1.37
CA ILE B 421 22.36 5.30 1.59
C ILE B 421 21.85 5.03 3.00
N TYR B 422 21.69 6.10 3.77
CA TYR B 422 21.11 6.11 5.11
C TYR B 422 19.73 6.77 5.03
N PHE B 423 18.84 6.43 5.97
CA PHE B 423 17.40 6.78 5.89
C PHE B 423 16.99 7.68 7.05
N ALA B 424 16.62 8.88 6.66
CA ALA B 424 16.06 9.94 7.51
C ALA B 424 14.56 10.00 7.20
N GLY B 425 13.90 11.11 7.51
CA GLY B 425 12.43 11.18 7.42
C GLY B 425 11.75 10.87 8.74
N THR B 426 10.69 11.60 9.07
CA THR B 426 9.95 11.44 10.35
C THR B 426 9.49 9.98 10.52
N GLU B 427 9.22 9.29 9.43
CA GLU B 427 8.78 7.87 9.45
C GLU B 427 9.80 6.97 10.13
N THR B 428 11.06 7.37 10.19
CA THR B 428 12.13 6.53 10.77
C THR B 428 12.44 6.93 12.20
N ALA B 429 11.71 7.87 12.79
CA ALA B 429 11.96 8.31 14.17
C ALA B 429 11.45 7.26 15.15
N THR B 430 11.92 7.32 16.38
CA THR B 430 11.42 6.45 17.47
C THR B 430 10.62 7.26 18.50
N HIS B 431 10.58 8.58 18.42
CA HIS B 431 9.77 9.42 19.34
C HIS B 431 9.13 10.53 18.49
N TRP B 432 7.82 10.67 18.55
CA TRP B 432 7.04 11.60 17.70
C TRP B 432 7.36 11.37 16.22
N SER B 433 7.61 10.12 15.83
CA SER B 433 7.53 9.74 14.40
C SER B 433 6.18 10.24 13.85
N GLY B 434 6.23 10.87 12.69
CA GLY B 434 5.04 11.44 12.03
C GLY B 434 4.96 12.95 12.25
N TYR B 435 5.76 13.49 13.16
CA TYR B 435 5.81 14.92 13.54
C TYR B 435 7.13 15.57 13.11
N MET B 436 7.15 16.90 13.21
CA MET B 436 8.36 17.72 12.95
C MET B 436 9.45 17.28 13.92
N GLU B 437 9.11 16.96 15.17
CA GLU B 437 10.08 16.43 16.16
C GLU B 437 10.76 15.15 15.60
N GLY B 438 9.97 14.20 15.11
CA GLY B 438 10.51 12.97 14.52
C GLY B 438 11.40 13.29 13.32
N ALA B 439 11.05 14.28 12.54
CA ALA B 439 11.87 14.65 11.37
C ALA B 439 13.28 15.03 11.85
N VAL B 440 13.35 15.83 12.93
CA VAL B 440 14.65 16.28 13.50
C VAL B 440 15.39 15.07 14.05
N GLU B 441 14.73 14.22 14.82
CA GLU B 441 15.41 13.05 15.40
C GLU B 441 16.06 12.23 14.28
N ALA B 442 15.31 11.94 13.23
CA ALA B 442 15.71 11.02 12.14
C ALA B 442 16.85 11.63 11.31
N GLY B 443 16.76 12.91 10.96
CA GLY B 443 17.82 13.58 10.19
C GLY B 443 19.16 13.57 10.92
N GLU B 444 19.12 13.94 12.19
CA GLU B 444 20.32 14.04 13.04
C GLU B 444 20.91 12.65 13.23
N ARG B 445 20.07 11.63 13.48
CA ARG B 445 20.53 10.23 13.66
C ARG B 445 21.17 9.75 12.35
N ALA B 446 20.53 10.01 11.20
CA ALA B 446 21.03 9.49 9.90
C ALA B 446 22.37 10.19 9.62
N ALA B 447 22.45 11.49 9.95
CA ALA B 447 23.72 12.25 9.81
C ALA B 447 24.82 11.61 10.69
N ARG B 448 24.51 11.26 11.93
CA ARG B 448 25.50 10.69 12.88
C ARG B 448 25.88 9.26 12.44
N GLU B 449 24.97 8.49 11.82
CA GLU B 449 25.31 7.17 11.23
C GLU B 449 26.43 7.39 10.21
N ILE B 450 26.33 8.41 9.37
CA ILE B 450 27.39 8.71 8.37
C ILE B 450 28.67 9.18 9.07
N LEU B 451 28.59 10.04 10.08
CA LEU B 451 29.79 10.47 10.83
C LEU B 451 30.49 9.23 11.41
N HIS B 452 29.73 8.26 11.90
CA HIS B 452 30.29 7.02 12.45
C HIS B 452 30.90 6.19 11.30
N ALA B 453 30.24 6.09 10.15
CA ALA B 453 30.77 5.34 8.98
C ALA B 453 32.12 5.95 8.57
N MET B 454 32.30 7.24 8.77
CA MET B 454 33.55 7.96 8.41
C MET B 454 34.58 7.86 9.53
N GLY B 455 34.32 7.17 10.63
CA GLY B 455 35.23 7.10 11.79
C GLY B 455 35.33 8.39 12.59
N LYS B 456 34.42 9.36 12.44
CA LYS B 456 34.51 10.67 13.15
C LYS B 456 33.93 10.61 14.55
N ILE B 457 32.98 9.72 14.78
CA ILE B 457 32.34 9.59 16.12
C ILE B 457 32.19 8.11 16.39
N PRO B 458 32.10 7.71 17.66
CA PRO B 458 31.90 6.30 17.99
C PRO B 458 30.44 5.87 17.85
N GLU B 459 30.22 4.57 17.92
CA GLU B 459 28.88 3.96 17.73
C GLU B 459 27.89 4.55 18.74
N ASP B 460 28.33 4.69 20.00
CA ASP B 460 27.42 5.08 21.10
C ASP B 460 26.97 6.54 20.92
N GLU B 461 27.47 7.29 19.93
CA GLU B 461 27.07 8.71 19.71
C GLU B 461 26.08 8.85 18.54
N ILE B 462 25.64 7.74 17.96
CA ILE B 462 24.68 7.77 16.83
C ILE B 462 23.30 8.22 17.33
N TRP B 463 22.80 7.61 18.39
CA TRP B 463 21.53 8.03 19.02
C TRP B 463 21.90 8.88 20.22
N GLN B 464 21.37 10.11 20.31
CA GLN B 464 21.72 11.03 21.40
C GLN B 464 20.43 11.54 22.07
N SER B 465 20.40 11.55 23.39
CA SER B 465 19.26 12.08 24.17
C SER B 465 19.20 13.60 23.96
N GLU B 466 18.11 14.25 24.33
CA GLU B 466 17.96 15.70 24.10
C GLU B 466 17.61 16.32 25.44
N PRO B 467 18.30 17.35 25.93
CA PRO B 467 17.85 17.99 27.17
C PRO B 467 16.45 18.62 26.98
N GLU B 468 15.69 18.68 28.07
CA GLU B 468 14.32 19.24 28.09
C GLU B 468 14.37 20.73 27.78
N SER B 469 13.45 21.22 26.95
CA SER B 469 13.28 22.66 26.65
C SER B 469 13.07 23.40 27.97
N VAL B 470 13.78 24.50 28.20
CA VAL B 470 13.51 25.36 29.40
C VAL B 470 12.23 26.14 29.14
N ASP B 471 11.91 26.41 27.88
CA ASP B 471 10.77 27.26 27.45
C ASP B 471 9.47 26.45 27.46
N VAL B 472 9.53 25.14 27.23
CA VAL B 472 8.31 24.28 27.08
C VAL B 472 8.54 23.02 27.90
N PRO B 473 8.60 23.15 29.24
CA PRO B 473 8.83 21.99 30.09
C PRO B 473 7.58 21.10 30.05
N ALA B 474 7.77 19.81 30.27
CA ALA B 474 6.65 18.84 30.31
C ALA B 474 6.21 18.62 31.76
N GLN B 475 4.90 18.63 32.00
CA GLN B 475 4.30 18.17 33.27
C GLN B 475 3.95 16.69 33.12
N PRO B 476 4.02 15.94 34.23
CA PRO B 476 3.74 14.50 34.20
C PRO B 476 2.30 14.24 33.74
N ILE B 477 2.08 13.12 33.06
CA ILE B 477 0.73 12.58 32.77
C ILE B 477 0.28 11.84 34.03
N THR B 478 -0.89 12.17 34.56
CA THR B 478 -1.42 11.52 35.79
C THR B 478 -2.72 10.82 35.44
N THR B 479 -3.05 9.80 36.22
CA THR B 479 -4.35 9.09 36.22
C THR B 479 -4.88 9.06 37.66
N THR B 480 -6.20 8.98 37.82
CA THR B 480 -6.87 8.88 39.13
C THR B 480 -6.97 7.40 39.51
N PHE B 481 -7.12 7.12 40.81
CA PHE B 481 -7.45 5.77 41.33
C PHE B 481 -8.61 5.17 40.53
N LEU B 482 -9.70 5.90 40.36
CA LEU B 482 -10.91 5.42 39.65
C LEU B 482 -10.56 5.08 38.19
N GLU B 483 -9.82 5.94 37.50
CA GLU B 483 -9.47 5.69 36.08
C GLU B 483 -8.68 4.40 35.99
N ARG B 484 -7.79 4.13 36.95
CA ARG B 484 -6.90 2.95 36.92
C ARG B 484 -7.72 1.70 37.23
N HIS B 485 -8.72 1.73 38.12
CA HIS B 485 -9.33 0.48 38.69
C HIS B 485 -10.80 0.25 38.32
N LEU B 486 -11.53 1.22 37.75
CA LEU B 486 -12.92 0.94 37.33
C LEU B 486 -12.91 -0.20 36.33
N PRO B 487 -13.88 -1.15 36.43
CA PRO B 487 -13.97 -2.26 35.49
C PRO B 487 -14.36 -1.79 34.08
N SER B 488 -14.03 -2.60 33.08
CA SER B 488 -14.61 -2.55 31.72
C SER B 488 -16.09 -2.93 31.80
N VAL B 489 -16.85 -2.74 30.71
CA VAL B 489 -18.27 -3.18 30.62
C VAL B 489 -18.31 -4.70 30.81
N PRO B 490 -17.52 -5.52 30.07
CA PRO B 490 -17.54 -6.97 30.27
C PRO B 490 -17.05 -7.36 31.68
N GLY B 491 -16.11 -6.57 32.23
CA GLY B 491 -15.66 -6.66 33.63
C GLY B 491 -16.83 -6.55 34.60
N LEU B 492 -17.70 -5.56 34.40
CA LEU B 492 -18.84 -5.31 35.30
C LEU B 492 -19.86 -6.44 35.14
N LEU B 493 -19.98 -7.02 33.94
CA LEU B 493 -20.86 -8.17 33.66
C LEU B 493 -20.33 -9.41 34.39
N ARG B 494 -19.10 -9.82 34.12
CA ARG B 494 -18.47 -10.98 34.80
C ARG B 494 -18.70 -10.85 36.32
N LEU B 495 -18.71 -9.62 36.86
CA LEU B 495 -19.02 -9.35 38.28
C LEU B 495 -20.54 -9.23 38.51
N ILE B 496 -21.39 -9.93 37.74
CA ILE B 496 -22.87 -9.95 37.92
C ILE B 496 -23.44 -11.33 37.55
PA FAD C . 4.08 -7.00 -16.83
O1A FAD C . 4.21 -8.40 -17.40
O2A FAD C . 4.46 -6.52 -15.44
O5B FAD C . 4.67 -6.01 -17.91
C5B FAD C . 5.10 -4.70 -17.55
C4B FAD C . 6.39 -4.38 -18.29
O4B FAD C . 6.71 -3.01 -18.00
C3B FAD C . 7.62 -5.16 -17.86
O3B FAD C . 8.24 -5.77 -19.01
C2B FAD C . 8.49 -4.13 -17.13
O2B FAD C . 9.88 -4.43 -17.22
C1B FAD C . 8.09 -2.79 -17.76
N9A FAD C . 8.26 -1.54 -16.95
C8A FAD C . 8.03 -1.32 -15.63
N7A FAD C . 8.29 0.01 -15.30
C5A FAD C . 8.69 0.58 -16.47
C6A FAD C . 9.13 1.87 -16.79
N6A FAD C . 9.16 2.85 -15.85
N1A FAD C . 9.41 2.17 -18.06
C2A FAD C . 9.38 1.19 -19.01
N3A FAD C . 9.02 -0.08 -18.77
C4A FAD C . 8.67 -0.39 -17.48
N1 FAD C . -0.55 -15.51 -15.16
C2 FAD C . -1.16 -16.54 -15.85
O2 FAD C . -1.95 -16.23 -16.77
N3 FAD C . -0.88 -17.88 -15.57
C4 FAD C . -0.01 -18.19 -14.58
O4 FAD C . 0.23 -19.40 -14.32
C4X FAD C . 0.58 -17.15 -13.83
N5 FAD C . 1.40 -17.41 -12.79
C5X FAD C . 2.24 -16.43 -12.34
C6 FAD C . 3.36 -16.79 -11.60
C7 FAD C . 4.38 -15.91 -11.33
C7M FAD C . 5.52 -16.45 -10.50
C8 FAD C . 4.29 -14.60 -11.81
C8M FAD C . 5.34 -13.50 -11.67
C9 FAD C . 3.16 -14.26 -12.54
C9A FAD C . 2.13 -15.16 -12.84
N10 FAD C . 0.95 -14.82 -13.47
C10 FAD C . 0.30 -15.82 -14.13
C1' FAD C . 0.57 -13.43 -13.79
C2' FAD C . 1.12 -12.97 -15.16
O2' FAD C . 2.53 -13.25 -15.36
C3' FAD C . 0.86 -11.48 -15.30
O3' FAD C . -0.56 -11.28 -15.21
C4' FAD C . 1.16 -10.86 -16.68
O4' FAD C . 2.37 -11.39 -17.29
C5' FAD C . 1.19 -9.35 -16.54
O5' FAD C . 1.28 -8.73 -17.84
P FAD C . 1.36 -7.14 -17.95
O1P FAD C . 1.79 -6.85 -19.37
O2P FAD C . 0.12 -6.45 -17.41
O3P FAD C . 2.49 -6.61 -16.92
C1 C15 D . -19.54 -15.30 13.42
C2 C15 D . -19.23 -16.75 13.60
C3 C15 D . -17.92 -16.93 14.32
N1 C15 D . -17.50 -18.35 14.54
C1N C15 D . -17.44 -19.07 13.23
C2N C15 D . -16.14 -18.35 15.14
C12 C15 D . -21.60 -19.30 19.39
C13 C15 D . -20.32 -18.65 18.87
C14 C15 D . -19.71 -19.32 17.64
C15 C15 D . -18.90 -18.38 16.73
C16 C15 D . -18.48 -19.09 15.45
S1 C15 D . -21.28 -14.99 13.42
O1S C15 D . -21.42 -13.61 13.05
O2S C15 D . -21.78 -15.39 14.70
O3S C15 D . -21.80 -15.99 12.33
C10 AI0 E . -6.79 -25.17 -4.41
C13 AI0 E . -8.15 -25.35 -1.98
C15 AI0 E . -6.31 -24.52 -3.28
C17 AI0 E . -5.01 -19.77 -8.40
C20 AI0 E . -2.09 -18.64 -10.38
C21 AI0 E . -1.32 -19.81 -10.44
C02 AI0 E . -1.78 -20.95 -9.83
C03 AI0 E . -3.04 -20.94 -9.15
C05 AI0 E . -4.64 -22.09 -7.91
C06 AI0 E . -5.03 -23.45 -7.32
C09 AI0 E . -6.05 -25.05 -5.73
C11 AI0 E . -7.94 -25.94 -4.29
C12 AI0 E . -8.63 -26.02 -3.09
C14 AI0 E . -7.00 -24.61 -2.07
C16 AI0 E . -5.45 -20.92 -7.81
C18 AI0 E . -3.78 -19.74 -9.09
C19 AI0 E . -3.26 -18.60 -9.71
N04 AI0 E . -3.47 -22.10 -8.56
N07 AI0 E . -5.92 -23.73 -6.32
O01 AI0 E . -1.08 -22.10 -9.88
O08 AI0 E . -6.71 -22.78 -5.92
PA FAD F . 8.93 15.98 4.20
O1A FAD F . 8.50 17.27 4.83
O2A FAD F . 7.85 15.24 3.38
O5B FAD F . 10.17 16.37 3.28
C5B FAD F . 10.55 15.57 2.20
C4B FAD F . 11.07 16.53 1.13
O4B FAD F . 11.56 15.68 0.10
C3B FAD F . 10.06 17.46 0.48
O3B FAD F . 10.53 18.81 0.51
C2B FAD F . 9.94 16.87 -0.89
O2B FAD F . 9.52 17.76 -1.89
C1B FAD F . 11.29 16.24 -1.15
N9A FAD F . 11.32 15.16 -2.19
C8A FAD F . 10.44 14.14 -2.37
N7A FAD F . 10.84 13.31 -3.36
C5A FAD F . 12.01 13.85 -3.80
C6A FAD F . 12.91 13.47 -4.79
N6A FAD F . 12.65 12.41 -5.59
N1A FAD F . 14.05 14.18 -4.98
C2A FAD F . 14.32 15.27 -4.22
N3A FAD F . 13.48 15.68 -3.24
C4A FAD F . 12.32 14.98 -3.02
N1 FAD F . 3.61 17.66 12.37
C2 FAD F . 3.80 18.30 13.58
O2 FAD F . 4.87 18.14 14.26
N3 FAD F . 2.79 19.08 14.00
C4 FAD F . 1.60 19.22 13.28
O4 FAD F . 0.70 20.00 13.64
C4X FAD F . 1.41 18.57 12.06
N5 FAD F . 0.27 18.73 11.34
C5X FAD F . 0.25 18.26 10.03
C6 FAD F . -0.73 18.70 9.15
C7 FAD F . -0.62 18.59 7.76
C7M FAD F . -1.76 19.12 6.93
C8 FAD F . 0.51 18.03 7.19
C8M FAD F . 0.75 17.88 5.69
C9 FAD F . 1.49 17.55 8.07
C9A FAD F . 1.41 17.67 9.49
N10 FAD F . 2.38 17.24 10.36
C10 FAD F . 2.47 17.80 11.59
C1' FAD F . 3.48 16.37 9.91
C2' FAD F . 4.80 17.10 9.61
O2' FAD F . 4.56 18.20 8.69
C3' FAD F . 5.82 16.09 9.07
O3' FAD F . 6.01 15.03 10.03
C4' FAD F . 7.23 16.64 8.78
O4' FAD F . 7.15 17.86 8.01
C5' FAD F . 7.98 15.61 7.93
O5' FAD F . 9.28 16.09 7.53
P FAD F . 10.30 15.21 6.66
O1P FAD F . 11.52 16.04 6.42
O2P FAD F . 10.35 13.83 7.27
O3P FAD F . 9.54 14.95 5.26
C1 C15 G . -16.02 -8.47 22.31
C2 C15 G . -17.48 -8.14 22.40
C3 C15 G . -18.03 -7.69 21.07
N1 C15 G . -19.12 -6.66 21.17
C1N C15 G . -18.59 -5.44 21.83
C2N C15 G . -19.60 -6.30 19.82
C16 C15 G . -20.25 -7.27 21.99
S1 C15 G . -15.64 -10.13 22.79
O1S C15 G . -14.49 -10.49 22.01
O2S C15 G . -16.84 -10.90 22.65
O3S C15 G . -15.33 -9.98 24.31
C10 AI0 H . -9.21 14.28 20.63
C13 AI0 H . -11.09 12.49 21.64
C15 AI0 H . -9.43 14.16 22.00
C17 AI0 H . -3.24 14.18 16.73
C20 AI0 H . -1.64 16.43 14.22
C21 AI0 H . -2.40 17.60 14.42
C02 AI0 H . -3.39 17.64 15.36
C03 AI0 H . -3.68 16.48 16.14
C05 AI0 H . -4.96 15.46 17.81
C06 AI0 H . -6.07 15.68 18.85
C09 AI0 H . -8.17 15.24 20.09
C11 AI0 H . -9.99 13.51 19.77
C12 AI0 H . -10.92 12.62 20.27
C14 AI0 H . -10.36 13.25 22.49
C16 AI0 H . -4.25 14.24 17.67
C18 AI0 H . -2.94 15.31 15.93
C19 AI0 H . -1.91 15.31 14.96
N04 AI0 H . -4.68 16.55 17.07
N07 AI0 H . -6.91 14.79 19.46
O01 AI0 H . -4.11 18.76 15.58
O08 AI0 H . -6.62 13.53 19.50
#